data_6TTB
#
_entry.id   6TTB
#
_cell.length_a   69.290
_cell.length_b   87.360
_cell.length_c   117.630
_cell.angle_alpha   90.000
_cell.angle_beta   90.000
_cell.angle_gamma   90.000
#
_symmetry.space_group_name_H-M   'P 21 21 21'
#
loop_
_entity.id
_entity.type
_entity.pdbx_description
1 polymer 'Formate dehydrogenase'
2 non-polymer NICOTINAMIDE-ADENINE-DINUCLEOTIDE
3 water water
#
_entity_poly.entity_id   1
_entity_poly.type   'polypeptide(L)'
_entity_poly.pdbx_seq_one_letter_code
;SNGAVFFVIFLKQATCNTYFKEVKIYHLGEMDMKIVALFPEAVEGQENQLLNTKKAIGLKTFLEERGHEFIILADNGEDL
DKHLPDMDVIISAPFYPAYMTRERIEKAPNLKLAITAGVGSDHVDLAAASEHNIGVVEVTGSNTVSVAEHAVMDLLILLR
NYEEGHRQSVEGEWNLSQVGNHAHELQHKTIGIFGFGRIGQLVAERLAPFNVTLQHYDPINQQDHKLSKFVSFDELVSSS
DAITIHAPLTPETDNLFDKDVLSRMKKHSYLVNTARGKIVNRDALVEALASEHLQGYAGDVWYPQPAPADHPWRTMPRNA
MTVHYSGMTLEAQKRIEDGVKDILERFFNHEPFQDKDIIVASGRIASKSYTAK
;
_entity_poly.pdbx_strand_id   A,B
#
# COMPACT_ATOMS: atom_id res chain seq x y z
N MET A 33 42.88 10.97 -12.47
CA MET A 33 42.10 9.72 -12.23
C MET A 33 40.89 9.71 -13.13
N LYS A 34 40.56 8.52 -13.66
CA LYS A 34 39.45 8.39 -14.60
C LYS A 34 38.33 7.62 -13.93
N ILE A 35 37.14 8.23 -13.92
CA ILE A 35 35.98 7.79 -13.17
C ILE A 35 34.91 7.40 -14.16
N VAL A 36 34.43 6.17 -14.06
CA VAL A 36 33.42 5.69 -14.99
C VAL A 36 32.11 5.49 -14.23
N ALA A 37 31.01 5.93 -14.87
CA ALA A 37 29.73 5.78 -14.20
C ALA A 37 28.73 5.10 -15.14
N LEU A 38 27.90 4.20 -14.57
CA LEU A 38 26.76 3.70 -15.28
C LEU A 38 25.48 4.04 -14.54
N PHE A 39 24.61 4.71 -15.27
CA PHE A 39 23.40 5.24 -14.73
C PHE A 39 22.27 4.98 -15.71
N PRO A 40 21.01 4.96 -15.23
CA PRO A 40 19.88 4.84 -16.16
C PRO A 40 19.90 5.97 -17.20
N GLU A 41 19.40 5.66 -18.40
CA GLU A 41 19.33 6.59 -19.52
C GLU A 41 18.32 7.71 -19.24
N ALA A 42 18.72 8.97 -19.44
CA ALA A 42 17.80 10.08 -19.23
C ALA A 42 16.73 10.04 -20.30
N VAL A 43 15.54 10.56 -20.01
CA VAL A 43 14.46 10.58 -20.97
C VAL A 43 13.93 12.02 -21.06
N GLU A 44 13.60 12.48 -22.29
CA GLU A 44 13.13 13.85 -22.57
C GLU A 44 11.89 14.10 -21.73
N GLY A 45 11.81 15.27 -21.10
CA GLY A 45 10.74 15.51 -20.16
C GLY A 45 11.14 15.19 -18.71
N GLN A 46 11.69 13.99 -18.45
CA GLN A 46 11.90 13.59 -17.07
C GLN A 46 13.00 14.45 -16.47
N GLU A 47 12.75 15.75 -16.32
CA GLU A 47 13.75 16.72 -15.87
C GLU A 47 14.00 16.65 -14.34
N ASN A 48 13.38 15.67 -13.64
CA ASN A 48 13.51 15.51 -12.19
C ASN A 48 14.71 14.60 -11.83
N GLN A 49 14.80 13.44 -12.49
CA GLN A 49 15.74 12.39 -12.15
C GLN A 49 17.17 12.91 -11.99
N LEU A 50 17.86 12.49 -10.93
CA LEU A 50 19.22 12.92 -10.64
C LEU A 50 20.16 11.86 -11.19
N LEU A 51 19.79 10.59 -10.89
CA LEU A 51 20.58 9.43 -11.23
C LEU A 51 20.24 8.99 -12.62
N ASN A 52 20.74 9.78 -13.61
CA ASN A 52 20.72 9.33 -14.97
C ASN A 52 21.96 9.85 -15.69
N THR A 53 22.03 9.49 -16.99
CA THR A 53 23.08 9.94 -17.89
C THR A 53 23.14 11.47 -18.01
N LYS A 54 22.02 12.21 -18.03
CA LYS A 54 22.16 13.69 -18.13
C LYS A 54 22.67 14.32 -16.83
N LYS A 55 21.88 14.30 -15.76
CA LYS A 55 22.24 15.05 -14.57
C LYS A 55 23.34 14.30 -13.80
N ALA A 56 23.49 12.98 -14.10
CA ALA A 56 24.54 12.10 -13.52
C ALA A 56 24.93 12.49 -12.10
N ILE A 57 23.94 12.73 -11.25
CA ILE A 57 24.18 13.00 -9.85
C ILE A 57 25.30 14.01 -9.60
N GLY A 58 25.48 14.95 -10.55
CA GLY A 58 26.27 16.14 -10.28
C GLY A 58 27.78 15.93 -10.46
N LEU A 59 28.19 14.76 -10.98
CA LEU A 59 29.61 14.40 -10.95
C LEU A 59 30.41 15.06 -12.08
N LYS A 60 29.75 15.42 -13.18
CA LYS A 60 30.47 15.89 -14.36
C LYS A 60 31.30 17.08 -14.00
N THR A 61 30.63 18.16 -13.56
CA THR A 61 31.29 19.34 -13.02
C THR A 61 32.11 19.00 -11.78
N PHE A 62 31.50 18.29 -10.83
CA PHE A 62 32.22 17.99 -9.59
C PHE A 62 33.54 17.33 -9.89
N LEU A 63 33.55 16.42 -10.88
CA LEU A 63 34.76 15.69 -11.24
C LEU A 63 35.63 16.52 -12.18
N GLU A 64 35.05 16.97 -13.29
CA GLU A 64 35.78 17.74 -14.29
C GLU A 64 36.23 19.08 -13.71
N GLU A 65 35.95 19.32 -12.45
CA GLU A 65 36.35 20.55 -11.81
C GLU A 65 37.59 20.31 -10.98
N ARG A 66 37.99 19.05 -10.91
CA ARG A 66 39.01 18.62 -9.99
C ARG A 66 40.11 17.92 -10.77
N GLY A 67 40.02 17.98 -12.10
CA GLY A 67 41.12 17.54 -12.94
C GLY A 67 40.90 16.16 -13.49
N HIS A 68 39.72 15.55 -13.19
CA HIS A 68 39.58 14.12 -13.40
C HIS A 68 38.83 13.87 -14.69
N GLU A 69 38.93 12.64 -15.21
CA GLU A 69 38.17 12.31 -16.40
C GLU A 69 36.88 11.66 -15.92
N PHE A 70 35.76 12.04 -16.52
CA PHE A 70 34.47 11.45 -16.16
C PHE A 70 33.77 10.85 -17.38
N ILE A 71 33.49 9.57 -17.31
CA ILE A 71 32.86 8.89 -18.42
C ILE A 71 31.53 8.30 -17.96
N ILE A 72 30.43 8.85 -18.48
CA ILE A 72 29.18 8.18 -18.25
C ILE A 72 28.95 7.21 -19.41
N LEU A 73 28.69 5.94 -19.05
CA LEU A 73 28.32 4.90 -19.97
C LEU A 73 26.81 4.89 -20.03
N ALA A 74 26.31 5.36 -21.16
CA ALA A 74 25.24 4.67 -21.85
C ALA A 74 25.88 3.52 -22.64
N ASP A 75 26.18 2.39 -21.95
CA ASP A 75 26.72 1.21 -22.60
C ASP A 75 26.30 -0.09 -21.89
N ASN A 76 26.59 -0.17 -20.56
CA ASN A 76 26.35 -1.32 -19.66
C ASN A 76 27.43 -2.40 -19.79
N GLY A 77 27.32 -3.25 -20.83
CA GLY A 77 28.39 -4.14 -21.29
C GLY A 77 28.81 -3.81 -22.73
N GLU A 78 30.10 -3.98 -23.04
CA GLU A 78 30.69 -3.77 -24.38
C GLU A 78 31.27 -2.37 -24.50
N ASP A 79 30.50 -1.37 -24.04
CA ASP A 79 31.10 -0.05 -23.89
C ASP A 79 31.77 0.07 -22.53
N LEU A 80 31.28 -0.72 -21.56
CA LEU A 80 32.06 -0.93 -20.35
C LEU A 80 33.48 -1.46 -20.68
N ASP A 81 33.56 -2.47 -21.54
CA ASP A 81 34.81 -3.18 -21.78
C ASP A 81 35.93 -2.21 -22.19
N LYS A 82 35.62 -1.15 -22.96
CA LYS A 82 36.67 -0.29 -23.48
C LYS A 82 37.11 0.72 -22.42
N HIS A 83 36.81 0.48 -21.15
CA HIS A 83 37.24 1.43 -20.12
C HIS A 83 37.95 0.67 -19.00
N LEU A 84 37.71 -0.63 -19.00
CA LEU A 84 38.29 -1.51 -18.04
C LEU A 84 39.82 -1.31 -17.95
N PRO A 85 40.54 -1.10 -19.12
CA PRO A 85 42.01 -0.94 -19.10
C PRO A 85 42.50 0.21 -18.26
N ASP A 86 41.60 1.16 -17.94
CA ASP A 86 42.10 2.43 -17.42
C ASP A 86 41.15 3.05 -16.39
N MET A 87 39.95 2.54 -16.27
CA MET A 87 39.13 3.12 -15.24
C MET A 87 39.83 3.01 -13.88
N ASP A 88 39.80 4.11 -13.11
CA ASP A 88 40.39 4.18 -11.76
C ASP A 88 39.30 3.85 -10.72
N VAL A 89 38.07 4.20 -11.06
CA VAL A 89 36.95 4.09 -10.14
C VAL A 89 35.69 3.83 -10.96
N ILE A 90 34.95 2.81 -10.56
CA ILE A 90 33.68 2.55 -11.21
C ILE A 90 32.55 2.95 -10.26
N ILE A 91 31.42 3.37 -10.86
CA ILE A 91 30.29 3.83 -10.08
C ILE A 91 28.99 3.33 -10.70
N SER A 92 28.12 2.77 -9.87
CA SER A 92 26.76 2.46 -10.32
C SER A 92 25.81 2.29 -9.13
N ALA A 93 24.50 2.17 -9.43
CA ALA A 93 23.47 1.98 -8.43
C ALA A 93 22.95 0.56 -8.50
N PRO A 94 22.45 0.00 -7.39
CA PRO A 94 21.94 -1.38 -7.40
C PRO A 94 20.72 -1.53 -8.31
N PHE A 95 20.00 -0.41 -8.50
CA PHE A 95 18.82 -0.35 -9.33
C PHE A 95 19.19 -0.61 -10.79
N TYR A 96 20.46 -0.51 -11.12
CA TYR A 96 20.87 -0.53 -12.51
C TYR A 96 22.38 -0.72 -12.55
N PRO A 97 22.87 -1.92 -12.22
CA PRO A 97 24.26 -2.11 -11.81
C PRO A 97 25.19 -2.44 -12.95
N ALA A 98 26.35 -1.88 -12.85
CA ALA A 98 27.47 -2.34 -13.63
C ALA A 98 28.14 -3.49 -12.87
N TYR A 99 27.93 -4.73 -13.39
CA TYR A 99 28.46 -5.93 -12.75
C TYR A 99 29.98 -5.94 -12.82
N MET A 100 30.60 -6.08 -11.65
CA MET A 100 32.04 -6.23 -11.57
C MET A 100 32.38 -7.68 -11.23
N THR A 101 32.32 -8.54 -12.25
CA THR A 101 32.69 -9.93 -12.15
C THR A 101 34.21 -10.05 -12.00
N ARG A 102 34.68 -11.20 -11.55
CA ARG A 102 36.09 -11.47 -11.59
C ARG A 102 36.60 -11.19 -12.98
N GLU A 103 35.90 -11.71 -13.98
CA GLU A 103 36.32 -11.58 -15.38
C GLU A 103 36.69 -10.13 -15.62
N ARG A 104 35.74 -9.22 -15.31
CA ARG A 104 35.94 -7.80 -15.58
C ARG A 104 37.03 -7.17 -14.70
N ILE A 105 37.19 -7.66 -13.47
CA ILE A 105 38.08 -7.03 -12.51
C ILE A 105 39.52 -7.24 -12.97
N GLU A 106 39.79 -8.46 -13.44
CA GLU A 106 41.10 -8.89 -13.86
C GLU A 106 41.59 -8.05 -15.02
N LYS A 107 40.65 -7.62 -15.87
CA LYS A 107 40.86 -6.68 -16.98
C LYS A 107 41.10 -5.24 -16.51
N ALA A 108 40.89 -4.93 -15.22
CA ALA A 108 40.95 -3.54 -14.79
C ALA A 108 42.14 -3.31 -13.84
N PRO A 109 43.36 -3.24 -14.37
CA PRO A 109 44.54 -3.01 -13.57
C PRO A 109 44.62 -1.61 -12.99
N ASN A 110 43.64 -0.77 -13.26
CA ASN A 110 43.80 0.56 -12.69
C ASN A 110 42.81 0.81 -11.54
N LEU A 111 41.95 -0.16 -11.32
CA LEU A 111 40.72 0.11 -10.64
C LEU A 111 40.96 -0.03 -9.12
N LYS A 112 40.44 0.88 -8.36
CA LYS A 112 40.89 0.99 -7.01
C LYS A 112 39.66 1.08 -6.14
N LEU A 113 38.55 1.58 -6.75
CA LEU A 113 37.36 1.93 -5.96
C LEU A 113 36.10 1.66 -6.77
N ALA A 114 35.27 0.79 -6.20
CA ALA A 114 33.95 0.56 -6.76
C ALA A 114 32.91 1.17 -5.83
N ILE A 115 32.31 2.26 -6.28
CA ILE A 115 31.31 2.91 -5.45
C ILE A 115 29.94 2.42 -5.89
N THR A 116 29.13 2.02 -4.92
CA THR A 116 27.74 1.74 -5.12
C THR A 116 26.90 3.02 -4.87
N ALA A 117 26.42 3.66 -5.94
CA ALA A 117 25.53 4.79 -5.75
C ALA A 117 24.22 4.31 -5.15
N GLY A 118 24.21 4.14 -3.85
CA GLY A 118 23.06 3.65 -3.15
C GLY A 118 23.54 2.70 -2.06
N VAL A 119 22.72 1.67 -1.79
CA VAL A 119 23.11 0.60 -0.92
C VAL A 119 22.84 -0.76 -1.59
N GLY A 120 23.86 -1.61 -1.62
CA GLY A 120 23.71 -2.96 -2.08
C GLY A 120 24.73 -3.26 -3.16
N SER A 121 25.72 -4.06 -2.79
CA SER A 121 26.90 -4.22 -3.61
C SER A 121 26.96 -5.62 -4.13
N ASP A 122 25.82 -6.29 -4.22
CA ASP A 122 25.97 -7.69 -4.60
C ASP A 122 26.32 -7.75 -6.07
N HIS A 123 26.41 -6.60 -6.76
CA HIS A 123 26.74 -6.58 -8.19
C HIS A 123 28.26 -6.65 -8.38
N VAL A 124 28.97 -6.80 -7.29
CA VAL A 124 30.43 -6.77 -7.37
C VAL A 124 30.95 -8.05 -6.74
N ASP A 125 31.90 -8.72 -7.43
CA ASP A 125 32.57 -9.90 -6.93
C ASP A 125 33.50 -9.51 -5.78
N LEU A 126 33.00 -9.56 -4.52
CA LEU A 126 33.77 -9.06 -3.38
C LEU A 126 35.07 -9.83 -3.23
N ALA A 127 34.98 -11.17 -3.26
CA ALA A 127 36.13 -12.06 -3.22
C ALA A 127 37.25 -11.52 -4.12
N ALA A 128 37.01 -11.38 -5.47
CA ALA A 128 38.02 -10.86 -6.42
C ALA A 128 38.42 -9.42 -6.11
N ALA A 129 37.45 -8.53 -5.96
CA ALA A 129 37.74 -7.16 -5.51
C ALA A 129 38.72 -7.18 -4.32
N SER A 130 38.44 -8.03 -3.33
CA SER A 130 39.38 -8.20 -2.24
C SER A 130 40.80 -8.59 -2.71
N GLU A 131 40.89 -9.58 -3.59
CA GLU A 131 42.15 -10.21 -3.95
C GLU A 131 43.00 -9.25 -4.78
N HIS A 132 42.36 -8.31 -5.49
CA HIS A 132 43.02 -7.32 -6.34
C HIS A 132 43.16 -6.01 -5.58
N ASN A 133 42.67 -6.00 -4.36
CA ASN A 133 42.85 -4.85 -3.50
C ASN A 133 42.14 -3.60 -4.05
N ILE A 134 40.96 -3.82 -4.63
CA ILE A 134 39.96 -2.80 -4.93
C ILE A 134 39.08 -2.60 -3.68
N GLY A 135 38.75 -1.34 -3.35
CA GLY A 135 37.85 -1.02 -2.26
C GLY A 135 36.43 -0.94 -2.77
N VAL A 136 35.48 -1.26 -1.90
CA VAL A 136 34.08 -1.26 -2.26
C VAL A 136 33.27 -0.56 -1.18
N VAL A 137 32.51 0.47 -1.58
CA VAL A 137 31.83 1.31 -0.60
C VAL A 137 30.49 1.67 -1.19
N GLU A 138 29.49 1.66 -0.32
CA GLU A 138 28.19 2.15 -0.66
C GLU A 138 27.85 3.25 0.34
N VAL A 139 26.68 3.91 0.16
CA VAL A 139 26.22 5.08 0.91
C VAL A 139 25.24 4.66 2.02
N THR A 140 25.78 4.03 3.04
CA THR A 140 24.95 3.56 4.13
C THR A 140 24.08 4.73 4.59
N GLY A 141 22.80 4.45 4.82
CA GLY A 141 21.95 5.37 5.54
C GLY A 141 21.06 6.15 4.61
N SER A 142 21.55 6.33 3.39
CA SER A 142 21.05 7.32 2.48
C SER A 142 19.56 7.11 2.09
N ASN A 143 19.01 5.88 2.32
CA ASN A 143 17.66 5.56 1.81
C ASN A 143 16.94 4.53 2.69
N THR A 144 17.35 4.46 3.93
CA THR A 144 16.71 3.59 4.85
C THR A 144 15.23 3.93 4.94
N VAL A 145 14.89 5.24 5.14
CA VAL A 145 13.50 5.59 5.45
C VAL A 145 12.62 5.27 4.27
N SER A 146 13.13 5.65 3.09
CA SER A 146 12.43 5.40 1.86
C SER A 146 11.96 3.96 1.82
N VAL A 147 12.90 3.04 2.13
CA VAL A 147 12.62 1.62 1.98
C VAL A 147 11.61 1.20 3.03
N ALA A 148 11.63 1.81 4.20
CA ALA A 148 10.64 1.42 5.19
C ALA A 148 9.28 1.78 4.68
N GLU A 149 9.14 3.03 4.18
CA GLU A 149 7.86 3.49 3.64
C GLU A 149 7.41 2.48 2.58
N HIS A 150 8.30 2.13 1.67
CA HIS A 150 7.86 1.27 0.60
C HIS A 150 7.33 -0.04 1.19
N ALA A 151 7.94 -0.52 2.29
CA ALA A 151 7.50 -1.82 2.78
C ALA A 151 6.12 -1.74 3.44
N VAL A 152 5.87 -0.69 4.21
CA VAL A 152 4.59 -0.64 4.91
C VAL A 152 3.52 -0.42 3.87
N MET A 153 3.88 0.30 2.80
CA MET A 153 2.94 0.50 1.69
C MET A 153 2.56 -0.86 1.10
N ASP A 154 3.60 -1.66 0.86
CA ASP A 154 3.41 -3.03 0.39
C ASP A 154 2.50 -3.81 1.34
N LEU A 155 2.75 -3.76 2.68
CA LEU A 155 1.83 -4.44 3.60
C LEU A 155 0.41 -4.02 3.27
N LEU A 156 0.18 -2.71 3.28
CA LEU A 156 -1.14 -2.18 3.08
C LEU A 156 -1.70 -2.65 1.75
N ILE A 157 -0.98 -2.46 0.64
CA ILE A 157 -1.50 -2.83 -0.69
C ILE A 157 -1.87 -4.30 -0.68
N LEU A 158 -1.03 -5.11 -0.08
CA LEU A 158 -1.26 -6.53 -0.01
C LEU A 158 -2.53 -6.86 0.82
N LEU A 159 -2.61 -6.42 2.08
CA LEU A 159 -3.72 -6.84 2.93
C LEU A 159 -5.02 -6.21 2.43
N ARG A 160 -4.93 -5.00 1.93
CA ARG A 160 -6.15 -4.30 1.61
C ARG A 160 -6.59 -4.72 0.23
N ASN A 161 -5.74 -5.50 -0.47
CA ASN A 161 -6.17 -5.99 -1.76
C ASN A 161 -6.42 -4.77 -2.67
N TYR A 162 -5.61 -3.73 -2.50
CA TYR A 162 -5.62 -2.58 -3.36
C TYR A 162 -5.62 -2.99 -4.83
N GLU A 163 -4.94 -4.08 -5.17
CA GLU A 163 -4.74 -4.35 -6.59
C GLU A 163 -6.07 -4.62 -7.24
N GLU A 164 -6.88 -5.41 -6.57
CA GLU A 164 -8.17 -5.78 -7.09
C GLU A 164 -9.05 -4.55 -7.10
N GLY A 165 -8.92 -3.76 -6.05
CA GLY A 165 -9.76 -2.57 -5.93
C GLY A 165 -9.50 -1.62 -7.07
N HIS A 166 -8.23 -1.54 -7.50
CA HIS A 166 -7.85 -0.59 -8.56
C HIS A 166 -8.18 -1.16 -9.96
N ARG A 167 -8.04 -2.48 -10.10
CA ARG A 167 -8.32 -3.11 -11.37
C ARG A 167 -9.79 -2.82 -11.72
N GLN A 168 -10.67 -3.25 -10.82
CA GLN A 168 -12.08 -3.00 -10.93
C GLN A 168 -12.31 -1.52 -11.21
N SER A 169 -11.69 -0.61 -10.44
CA SER A 169 -11.86 0.82 -10.74
C SER A 169 -11.57 1.04 -12.22
N VAL A 170 -10.35 0.69 -12.61
CA VAL A 170 -9.89 0.92 -13.96
C VAL A 170 -10.78 0.24 -14.99
N GLU A 171 -11.15 -1.02 -14.76
CA GLU A 171 -11.63 -1.86 -15.85
C GLU A 171 -13.16 -1.72 -16.04
N GLY A 172 -13.77 -0.75 -15.37
CA GLY A 172 -15.19 -0.45 -15.60
C GLY A 172 -16.10 -1.09 -14.56
N GLU A 173 -15.49 -1.76 -13.59
CA GLU A 173 -16.18 -2.72 -12.76
C GLU A 173 -16.64 -2.14 -11.41
N TRP A 174 -17.45 -2.96 -10.71
CA TRP A 174 -17.92 -2.65 -9.36
C TRP A 174 -18.52 -3.89 -8.70
N ASN A 175 -17.68 -4.65 -7.99
CA ASN A 175 -18.02 -6.01 -7.58
C ASN A 175 -17.37 -6.26 -6.25
N LEU A 176 -18.15 -6.14 -5.19
CA LEU A 176 -17.60 -6.09 -3.87
C LEU A 176 -17.34 -7.49 -3.34
N SER A 177 -17.93 -8.50 -3.94
CA SER A 177 -17.69 -9.85 -3.46
C SER A 177 -16.24 -10.19 -3.73
N GLN A 178 -15.75 -9.76 -4.89
CA GLN A 178 -14.54 -10.35 -5.39
C GLN A 178 -13.36 -9.57 -4.87
N VAL A 179 -13.58 -8.28 -4.57
CA VAL A 179 -12.58 -7.50 -3.85
C VAL A 179 -12.61 -7.95 -2.42
N GLY A 180 -13.83 -8.00 -1.88
CA GLY A 180 -13.99 -8.31 -0.48
C GLY A 180 -13.20 -9.57 -0.11
N ASN A 181 -13.28 -10.55 -1.02
CA ASN A 181 -12.79 -11.91 -0.81
C ASN A 181 -11.36 -11.91 -0.23
N HIS A 182 -10.53 -10.91 -0.56
CA HIS A 182 -9.15 -10.92 -0.07
C HIS A 182 -8.75 -9.63 0.64
N ALA A 183 -9.73 -8.86 1.05
CA ALA A 183 -9.48 -7.57 1.65
C ALA A 183 -9.59 -7.68 3.17
N HIS A 184 -8.56 -7.20 3.83
CA HIS A 184 -8.33 -7.33 5.24
C HIS A 184 -7.93 -5.96 5.71
N GLU A 185 -8.33 -5.62 6.92
CA GLU A 185 -7.70 -4.57 7.68
C GLU A 185 -6.30 -5.00 8.04
N LEU A 186 -5.37 -4.06 8.02
CA LEU A 186 -4.07 -4.34 8.55
C LEU A 186 -4.16 -4.46 10.08
N GLN A 187 -5.10 -3.72 10.67
CA GLN A 187 -5.17 -3.66 12.12
C GLN A 187 -5.43 -5.07 12.71
N HIS A 188 -4.81 -5.35 13.88
CA HIS A 188 -4.96 -6.58 14.63
C HIS A 188 -4.16 -7.74 14.02
N LYS A 189 -3.45 -7.52 12.90
CA LYS A 189 -2.68 -8.59 12.31
C LYS A 189 -1.33 -8.67 13.03
N THR A 190 -0.67 -9.85 12.92
CA THR A 190 0.65 -9.97 13.53
C THR A 190 1.68 -9.92 12.44
N ILE A 191 2.61 -8.97 12.56
CA ILE A 191 3.62 -8.80 11.52
C ILE A 191 4.99 -9.20 12.03
N GLY A 192 5.68 -10.03 11.24
CA GLY A 192 7.01 -10.50 11.58
C GLY A 192 8.04 -9.75 10.77
N ILE A 193 8.99 -9.11 11.49
CA ILE A 193 10.06 -8.36 10.84
C ILE A 193 11.31 -9.22 10.89
N PHE A 194 11.67 -9.78 9.73
CA PHE A 194 12.89 -10.54 9.63
C PHE A 194 14.06 -9.60 9.41
N GLY A 195 14.82 -9.32 10.48
CA GLY A 195 16.00 -8.48 10.38
C GLY A 195 15.73 -7.10 10.90
N PHE A 196 16.17 -6.89 12.13
CA PHE A 196 15.68 -5.81 12.93
C PHE A 196 16.83 -4.83 13.07
N GLY A 197 17.39 -4.44 11.94
CA GLY A 197 18.41 -3.41 11.90
C GLY A 197 17.77 -2.04 11.77
N ARG A 198 18.46 -1.16 10.99
CA ARG A 198 17.99 0.19 10.76
C ARG A 198 16.58 0.13 10.17
N ILE A 199 16.42 -0.55 9.01
CA ILE A 199 15.15 -0.51 8.29
C ILE A 199 14.13 -1.37 9.02
N GLY A 200 14.57 -2.44 9.63
CA GLY A 200 13.57 -3.22 10.34
C GLY A 200 12.85 -2.37 11.38
N GLN A 201 13.67 -1.54 12.09
CA GLN A 201 13.24 -0.70 13.20
C GLN A 201 12.40 0.49 12.72
N LEU A 202 12.78 1.05 11.57
CA LEU A 202 12.04 2.15 10.99
C LEU A 202 10.65 1.64 10.63
N VAL A 203 10.57 0.36 10.31
CA VAL A 203 9.33 -0.19 9.84
C VAL A 203 8.47 -0.43 11.04
N ALA A 204 9.09 -0.79 12.16
CA ALA A 204 8.29 -1.05 13.36
C ALA A 204 7.63 0.23 13.81
N GLU A 205 8.39 1.32 13.77
CA GLU A 205 7.91 2.59 14.28
C GLU A 205 6.67 2.96 13.51
N ARG A 206 6.76 2.83 12.19
CA ARG A 206 5.64 3.24 11.35
C ARG A 206 4.54 2.20 11.44
N LEU A 207 4.85 0.94 11.76
CA LEU A 207 3.72 0.05 11.83
C LEU A 207 3.04 0.19 13.18
N ALA A 208 3.71 0.74 14.20
CA ALA A 208 3.18 0.55 15.56
C ALA A 208 1.79 1.15 15.67
N PRO A 209 1.60 2.37 15.13
CA PRO A 209 0.33 3.04 15.28
C PRO A 209 -0.82 2.45 14.47
N PHE A 210 -0.67 1.26 13.92
CA PHE A 210 -1.75 0.74 13.11
C PHE A 210 -2.44 -0.39 13.83
N ASN A 211 -1.88 -0.71 15.01
CA ASN A 211 -2.58 -1.54 15.98
C ASN A 211 -2.58 -2.98 15.51
N VAL A 212 -1.49 -3.62 15.82
CA VAL A 212 -0.92 -4.71 15.07
C VAL A 212 0.09 -5.29 16.05
N THR A 213 0.17 -6.60 16.17
CA THR A 213 1.26 -7.17 16.94
C THR A 213 2.52 -7.32 16.08
N LEU A 214 3.64 -6.73 16.55
CA LEU A 214 4.93 -6.87 15.91
C LEU A 214 5.72 -7.96 16.61
N GLN A 215 6.30 -8.86 15.80
CA GLN A 215 7.43 -9.70 16.20
C GLN A 215 8.61 -9.44 15.25
N HIS A 216 9.82 -9.62 15.74
CA HIS A 216 11.00 -9.61 14.92
C HIS A 216 11.92 -10.74 15.29
N TYR A 217 12.74 -11.12 14.30
CA TYR A 217 13.94 -11.93 14.49
C TYR A 217 15.15 -11.21 13.89
N ASP A 218 16.24 -11.21 14.63
CA ASP A 218 17.53 -10.73 14.14
C ASP A 218 18.53 -11.58 14.86
N PRO A 219 19.67 -11.98 14.24
CA PRO A 219 20.72 -12.70 14.95
C PRO A 219 20.96 -11.99 16.27
N ILE A 220 21.12 -10.67 16.20
CA ILE A 220 21.76 -9.99 17.31
C ILE A 220 20.74 -9.16 18.11
N ASN A 221 19.79 -8.57 17.40
CA ASN A 221 18.85 -7.66 18.04
C ASN A 221 17.76 -8.46 18.73
N GLN A 222 18.19 -9.42 19.59
CA GLN A 222 17.33 -10.50 20.09
C GLN A 222 16.85 -10.15 21.50
N GLN A 223 16.68 -8.86 21.80
CA GLN A 223 15.94 -8.45 22.99
C GLN A 223 14.54 -7.98 22.57
N ASP A 224 13.57 -8.03 23.49
CA ASP A 224 12.30 -7.37 23.20
C ASP A 224 12.56 -5.88 22.97
N HIS A 225 11.72 -5.25 22.14
CA HIS A 225 11.85 -3.82 21.86
C HIS A 225 10.56 -3.17 22.35
N LYS A 226 10.62 -1.87 22.67
CA LYS A 226 9.40 -1.10 22.91
C LYS A 226 8.30 -1.44 21.88
N LEU A 227 8.64 -1.88 20.66
CA LEU A 227 7.64 -1.86 19.61
C LEU A 227 7.34 -3.29 19.12
N SER A 228 8.33 -4.19 19.31
CA SER A 228 8.32 -5.55 18.77
C SER A 228 8.81 -6.53 19.83
N LYS A 229 8.18 -7.72 19.84
CA LYS A 229 8.64 -8.86 20.61
C LYS A 229 9.67 -9.63 19.79
N PHE A 230 10.89 -9.80 20.32
CA PHE A 230 11.82 -10.80 19.77
C PHE A 230 11.14 -12.16 19.62
N VAL A 231 11.50 -12.91 18.60
CA VAL A 231 10.89 -14.21 18.41
C VAL A 231 11.88 -15.05 17.61
N SER A 232 11.85 -16.37 17.78
CA SER A 232 12.70 -17.19 16.93
C SER A 232 12.25 -17.12 15.45
N PHE A 233 13.15 -17.56 14.59
CA PHE A 233 12.88 -17.63 13.18
C PHE A 233 11.79 -18.66 12.95
N ASP A 234 11.99 -19.85 13.49
CA ASP A 234 10.96 -20.84 13.37
C ASP A 234 9.65 -20.10 13.55
N GLU A 235 9.60 -19.33 14.63
CA GLU A 235 8.36 -18.87 15.17
C GLU A 235 7.86 -17.72 14.28
N LEU A 236 8.78 -16.82 13.91
CA LEU A 236 8.39 -15.76 13.00
C LEU A 236 7.67 -16.37 11.81
N VAL A 237 8.27 -17.42 11.25
CA VAL A 237 7.78 -17.99 9.99
C VAL A 237 6.39 -18.51 10.20
N SER A 238 6.14 -19.13 11.34
CA SER A 238 4.89 -19.88 11.44
C SER A 238 3.77 -19.06 12.05
N SER A 239 4.08 -18.01 12.81
CA SER A 239 3.04 -17.29 13.54
C SER A 239 2.65 -15.97 12.85
N SER A 240 3.49 -15.49 11.90
CA SER A 240 3.27 -14.16 11.31
C SER A 240 2.13 -14.18 10.32
N ASP A 241 1.25 -13.15 10.41
CA ASP A 241 0.22 -12.94 9.41
C ASP A 241 0.87 -12.52 8.10
N ALA A 242 1.85 -11.63 8.18
CA ALA A 242 2.71 -11.44 7.03
C ALA A 242 4.08 -11.09 7.50
N ILE A 243 5.07 -11.17 6.60
CA ILE A 243 6.45 -10.99 6.96
C ILE A 243 7.09 -10.01 6.00
N THR A 244 7.91 -9.13 6.56
CA THR A 244 8.67 -8.23 5.74
C THR A 244 10.13 -8.45 6.07
N ILE A 245 10.97 -8.40 5.02
CA ILE A 245 12.38 -8.79 5.08
C ILE A 245 13.24 -7.55 5.11
N HIS A 246 14.12 -7.47 6.09
CA HIS A 246 15.04 -6.35 6.18
C HIS A 246 16.41 -6.86 6.56
N ALA A 247 16.77 -8.00 5.95
CA ALA A 247 18.01 -8.69 6.24
C ALA A 247 18.96 -8.52 5.05
N PRO A 248 20.31 -8.50 5.26
CA PRO A 248 21.25 -8.34 4.14
C PRO A 248 21.30 -9.66 3.37
N LEU A 249 21.96 -9.66 2.22
CA LEU A 249 22.15 -10.92 1.51
C LEU A 249 23.51 -11.47 1.93
N THR A 250 23.48 -12.44 2.88
CA THR A 250 24.63 -13.11 3.50
C THR A 250 24.50 -14.58 3.17
N PRO A 251 25.48 -15.42 3.56
CA PRO A 251 25.44 -16.81 3.18
C PRO A 251 24.22 -17.47 3.79
N GLU A 252 23.64 -16.82 4.80
CA GLU A 252 22.56 -17.47 5.52
C GLU A 252 21.20 -17.12 4.96
N THR A 253 21.10 -15.92 4.40
CA THR A 253 19.85 -15.42 3.86
C THR A 253 19.79 -15.79 2.38
N ASP A 254 20.95 -16.15 1.79
CA ASP A 254 20.96 -16.60 0.42
C ASP A 254 19.90 -17.72 0.24
N ASN A 255 18.92 -17.51 -0.63
CA ASN A 255 17.94 -18.54 -0.89
C ASN A 255 17.25 -19.07 0.38
N LEU A 256 17.21 -18.27 1.47
CA LEU A 256 16.61 -18.70 2.72
C LEU A 256 15.15 -19.02 2.56
N PHE A 257 14.37 -18.17 1.90
CA PHE A 257 12.93 -18.46 1.80
C PHE A 257 12.71 -19.32 0.57
N ASP A 258 13.12 -20.60 0.68
CA ASP A 258 13.03 -21.59 -0.41
C ASP A 258 11.69 -22.29 -0.34
N LYS A 259 11.56 -23.44 -1.01
CA LYS A 259 10.27 -24.11 -0.96
C LYS A 259 9.91 -24.41 0.48
N ASP A 260 10.95 -24.72 1.29
CA ASP A 260 10.75 -25.31 2.60
C ASP A 260 10.16 -24.31 3.55
N VAL A 261 10.83 -23.13 3.63
CA VAL A 261 10.42 -21.99 4.42
C VAL A 261 9.06 -21.45 3.96
N LEU A 262 8.92 -21.09 2.68
CA LEU A 262 7.60 -20.71 2.21
C LEU A 262 6.62 -21.70 2.80
N SER A 263 6.86 -23.01 2.60
CA SER A 263 5.93 -24.06 3.03
C SER A 263 5.47 -23.89 4.51
N ARG A 264 6.33 -23.33 5.37
CA ARG A 264 6.20 -23.39 6.85
C ARG A 264 5.49 -22.13 7.34
N MET A 265 5.40 -21.16 6.44
CA MET A 265 4.72 -19.90 6.65
C MET A 265 3.22 -20.18 6.72
N LYS A 266 2.48 -19.35 7.47
CA LYS A 266 1.04 -19.57 7.65
C LYS A 266 0.35 -19.70 6.29
N LYS A 267 -0.73 -20.54 6.18
CA LYS A 267 -1.51 -20.52 4.93
C LYS A 267 -2.12 -19.15 4.81
N HIS A 268 -2.15 -18.61 3.58
CA HIS A 268 -2.87 -17.38 3.34
C HIS A 268 -2.11 -16.19 3.92
N SER A 269 -0.80 -16.31 4.11
CA SER A 269 -0.07 -15.18 4.66
C SER A 269 0.45 -14.32 3.52
N TYR A 270 1.20 -13.25 3.86
CA TYR A 270 1.76 -12.38 2.83
C TYR A 270 3.24 -12.18 3.11
N LEU A 271 3.98 -11.79 2.05
CA LEU A 271 5.42 -11.68 2.12
C LEU A 271 5.83 -10.44 1.42
N VAL A 272 6.71 -9.65 2.08
CA VAL A 272 7.18 -8.42 1.51
C VAL A 272 8.67 -8.42 1.65
N ASN A 273 9.32 -8.14 0.53
CA ASN A 273 10.74 -8.21 0.48
C ASN A 273 11.23 -7.06 -0.38
N THR A 274 11.69 -6.02 0.30
CA THR A 274 12.39 -4.94 -0.29
C THR A 274 13.86 -4.94 0.18
N ALA A 275 14.39 -6.13 0.57
CA ALA A 275 15.78 -6.24 0.96
C ALA A 275 16.61 -6.69 -0.25
N ARG A 276 16.69 -7.99 -0.54
CA ARG A 276 17.29 -8.36 -1.83
C ARG A 276 16.58 -9.56 -2.45
N GLY A 277 16.42 -9.52 -3.79
CA GLY A 277 15.76 -10.56 -4.56
C GLY A 277 16.10 -11.97 -4.12
N LYS A 278 17.43 -12.28 -3.99
CA LYS A 278 17.90 -13.68 -3.93
C LYS A 278 17.52 -14.32 -2.61
N ILE A 279 17.13 -13.55 -1.61
CA ILE A 279 16.73 -14.19 -0.35
C ILE A 279 15.54 -15.10 -0.61
N VAL A 280 14.79 -14.74 -1.68
CA VAL A 280 13.57 -15.43 -1.89
C VAL A 280 13.67 -16.20 -3.19
N ASN A 281 13.40 -17.50 -3.07
CA ASN A 281 13.60 -18.39 -4.18
C ASN A 281 12.62 -18.04 -5.29
N ARG A 282 13.16 -17.60 -6.43
CA ARG A 282 12.34 -17.09 -7.52
C ARG A 282 11.16 -18.02 -7.74
N ASP A 283 11.47 -19.31 -7.87
CA ASP A 283 10.54 -20.26 -8.42
C ASP A 283 9.60 -20.77 -7.34
N ALA A 284 10.16 -21.04 -6.18
CA ALA A 284 9.37 -21.47 -5.05
C ALA A 284 8.27 -20.46 -4.79
N LEU A 285 8.58 -19.15 -4.92
CA LEU A 285 7.63 -18.13 -4.51
C LEU A 285 6.45 -18.12 -5.46
N VAL A 286 6.72 -18.32 -6.75
CA VAL A 286 5.68 -18.55 -7.74
C VAL A 286 4.76 -19.72 -7.33
N GLU A 287 5.36 -20.90 -7.03
CA GLU A 287 4.56 -22.08 -6.75
C GLU A 287 3.71 -21.82 -5.53
N ALA A 288 4.27 -21.11 -4.57
CA ALA A 288 3.57 -20.69 -3.34
C ALA A 288 2.34 -19.80 -3.65
N LEU A 289 2.50 -18.79 -4.55
CA LEU A 289 1.36 -17.97 -4.95
C LEU A 289 0.36 -18.83 -5.73
N ALA A 290 0.82 -19.49 -6.79
CA ALA A 290 -0.12 -20.20 -7.68
C ALA A 290 -0.96 -21.22 -6.89
N SER A 291 -0.33 -21.90 -5.95
CA SER A 291 -1.03 -22.86 -5.13
C SER A 291 -1.85 -22.17 -4.03
N GLU A 292 -1.54 -20.90 -3.70
CA GLU A 292 -2.36 -20.06 -2.80
C GLU A 292 -2.06 -20.41 -1.34
N HIS A 293 -0.95 -21.10 -1.12
CA HIS A 293 -0.37 -21.05 0.18
C HIS A 293 -0.08 -19.58 0.60
N LEU A 294 0.47 -18.77 -0.29
CA LEU A 294 0.72 -17.36 0.03
C LEU A 294 -0.36 -16.46 -0.59
N GLN A 295 -1.01 -15.65 0.23
CA GLN A 295 -2.07 -14.81 -0.29
C GLN A 295 -1.52 -13.75 -1.24
N GLY A 296 -0.29 -13.24 -0.97
CA GLY A 296 0.31 -12.21 -1.83
C GLY A 296 1.79 -12.03 -1.58
N TYR A 297 2.54 -11.47 -2.60
CA TYR A 297 3.94 -11.01 -2.43
C TYR A 297 4.09 -9.61 -3.03
N ALA A 298 4.76 -8.74 -2.27
CA ALA A 298 5.27 -7.49 -2.81
C ALA A 298 6.70 -7.28 -2.41
N GLY A 299 7.25 -6.16 -2.93
CA GLY A 299 8.64 -5.78 -2.85
C GLY A 299 9.10 -5.18 -4.15
N ASP A 300 10.37 -4.73 -4.20
CA ASP A 300 10.90 -4.00 -5.34
C ASP A 300 12.31 -4.50 -5.73
N VAL A 301 12.69 -5.71 -5.26
CA VAL A 301 14.09 -6.15 -5.43
C VAL A 301 14.09 -7.47 -6.18
N TRP A 302 15.07 -7.67 -7.10
CA TRP A 302 14.98 -8.80 -8.03
C TRP A 302 16.27 -9.63 -8.16
N TYR A 303 16.14 -10.92 -8.56
CA TYR A 303 17.31 -11.68 -9.06
C TYR A 303 17.10 -12.18 -10.52
N PRO A 304 17.89 -11.69 -11.49
CA PRO A 304 18.85 -10.61 -11.27
C PRO A 304 18.25 -9.24 -11.56
N GLN A 305 19.07 -8.20 -11.47
CA GLN A 305 18.63 -6.88 -11.83
C GLN A 305 19.62 -6.36 -12.83
N PRO A 306 19.17 -5.67 -13.91
CA PRO A 306 17.73 -5.42 -14.11
C PRO A 306 16.98 -6.73 -14.23
N ALA A 307 15.75 -6.75 -13.75
CA ALA A 307 14.85 -7.86 -13.99
C ALA A 307 14.66 -8.04 -15.51
N PRO A 308 14.96 -9.23 -16.03
CA PRO A 308 14.72 -9.51 -17.43
C PRO A 308 13.25 -9.29 -17.68
N ALA A 309 12.93 -8.88 -18.94
CA ALA A 309 11.56 -8.50 -19.28
C ALA A 309 10.56 -9.62 -18.94
N ASP A 310 11.01 -10.89 -18.97
CA ASP A 310 10.04 -11.96 -18.78
C ASP A 310 10.20 -12.56 -17.37
N HIS A 311 10.76 -11.79 -16.41
CA HIS A 311 10.91 -12.37 -15.09
C HIS A 311 9.52 -12.81 -14.61
N PRO A 312 9.36 -14.07 -14.13
CA PRO A 312 8.04 -14.55 -13.73
C PRO A 312 7.43 -13.78 -12.56
N TRP A 313 8.24 -13.04 -11.81
CA TRP A 313 7.72 -12.23 -10.70
C TRP A 313 6.87 -11.08 -11.24
N ARG A 314 6.99 -10.77 -12.53
CA ARG A 314 6.29 -9.62 -13.07
C ARG A 314 4.82 -9.95 -13.28
N THR A 315 4.55 -11.20 -13.64
CA THR A 315 3.31 -11.68 -14.25
C THR A 315 2.59 -12.55 -13.22
N MET A 316 3.20 -12.77 -12.06
CA MET A 316 2.69 -13.89 -11.27
C MET A 316 1.49 -13.40 -10.49
N PRO A 317 0.48 -14.28 -10.22
CA PRO A 317 -0.63 -14.01 -9.30
C PRO A 317 -0.40 -13.03 -8.16
N ARG A 318 -1.34 -12.12 -7.97
CA ARG A 318 -1.45 -11.42 -6.69
C ARG A 318 -0.09 -10.86 -6.26
N ASN A 319 0.64 -10.29 -7.21
CA ASN A 319 1.90 -9.61 -6.90
C ASN A 319 1.69 -8.11 -6.81
N ALA A 320 2.49 -7.43 -5.93
CA ALA A 320 2.63 -5.97 -5.98
C ALA A 320 4.10 -5.57 -6.09
N MET A 321 4.73 -6.15 -7.11
CA MET A 321 6.08 -5.79 -7.42
C MET A 321 6.03 -4.38 -7.96
N THR A 322 7.13 -3.70 -7.80
CA THR A 322 7.49 -2.62 -8.64
C THR A 322 8.93 -2.91 -9.11
N VAL A 323 9.39 -2.17 -10.10
CA VAL A 323 10.80 -2.20 -10.39
C VAL A 323 11.52 -1.52 -9.21
N HIS A 324 12.86 -1.49 -9.24
CA HIS A 324 13.65 -1.32 -8.04
C HIS A 324 14.02 0.13 -7.90
N TYR A 325 13.12 0.92 -7.35
CA TYR A 325 13.45 2.31 -7.13
C TYR A 325 13.20 2.79 -5.69
N SER A 326 12.78 1.88 -4.79
CA SER A 326 12.27 2.24 -3.49
C SER A 326 13.37 3.01 -2.75
N GLY A 327 14.61 2.57 -2.91
CA GLY A 327 15.73 3.33 -2.35
C GLY A 327 16.27 4.39 -3.31
N MET A 328 15.47 4.72 -4.34
CA MET A 328 15.87 5.66 -5.37
C MET A 328 14.79 6.73 -5.50
N THR A 329 13.91 6.87 -4.47
CA THR A 329 13.03 8.04 -4.40
C THR A 329 13.84 9.30 -4.66
N LEU A 330 13.18 10.36 -5.15
CA LEU A 330 13.88 11.59 -5.51
C LEU A 330 14.76 12.06 -4.36
N GLU A 331 14.24 12.06 -3.14
CA GLU A 331 14.99 12.60 -2.02
C GLU A 331 16.16 11.68 -1.73
N ALA A 332 15.89 10.39 -1.75
CA ALA A 332 16.94 9.41 -1.70
C ALA A 332 18.06 9.79 -2.67
N GLN A 333 17.72 10.35 -3.86
CA GLN A 333 18.76 10.72 -4.85
C GLN A 333 19.72 11.76 -4.26
N LYS A 334 19.21 12.88 -3.70
CA LYS A 334 20.11 13.83 -3.10
C LYS A 334 21.02 13.10 -2.14
N ARG A 335 20.45 12.27 -1.26
CA ARG A 335 21.27 11.69 -0.20
C ARG A 335 22.43 10.92 -0.82
N ILE A 336 22.14 10.17 -1.92
CA ILE A 336 23.10 9.36 -2.66
C ILE A 336 24.11 10.27 -3.33
N GLU A 337 23.65 11.23 -4.13
CA GLU A 337 24.51 12.22 -4.73
C GLU A 337 25.50 12.73 -3.69
N ASP A 338 25.01 13.11 -2.50
CA ASP A 338 25.91 13.74 -1.52
C ASP A 338 26.93 12.75 -0.95
N GLY A 339 26.52 11.47 -0.79
CA GLY A 339 27.43 10.44 -0.35
C GLY A 339 28.50 10.15 -1.40
N VAL A 340 28.08 9.87 -2.64
CA VAL A 340 29.05 9.53 -3.65
C VAL A 340 30.09 10.65 -3.67
N LYS A 341 29.62 11.89 -3.51
CA LYS A 341 30.47 13.07 -3.61
C LYS A 341 31.45 13.04 -2.45
N ASP A 342 30.94 12.86 -1.24
CA ASP A 342 31.81 12.85 -0.06
C ASP A 342 32.88 11.76 -0.17
N ILE A 343 32.45 10.57 -0.60
CA ILE A 343 33.37 9.45 -0.77
C ILE A 343 34.52 9.88 -1.66
N LEU A 344 34.20 10.28 -2.90
CA LEU A 344 35.19 10.67 -3.90
C LEU A 344 36.15 11.73 -3.33
N GLU A 345 35.63 12.63 -2.49
CA GLU A 345 36.44 13.65 -1.86
C GLU A 345 37.49 12.96 -0.95
N ARG A 346 37.02 12.23 0.06
CA ARG A 346 37.93 11.47 0.91
C ARG A 346 38.90 10.61 0.07
N PHE A 347 38.36 9.83 -0.86
CA PHE A 347 39.20 9.02 -1.71
C PHE A 347 40.37 9.85 -2.24
N PHE A 348 40.08 11.01 -2.84
CA PHE A 348 41.06 11.72 -3.62
C PHE A 348 42.08 12.31 -2.70
N ASN A 349 41.79 12.35 -1.40
CA ASN A 349 42.89 12.74 -0.53
C ASN A 349 42.91 11.89 0.72
N HIS A 350 42.93 10.58 0.50
CA HIS A 350 43.54 9.68 1.46
C HIS A 350 43.00 9.99 2.86
N GLU A 351 41.73 10.38 2.93
CA GLU A 351 41.00 10.50 4.18
C GLU A 351 40.24 9.20 4.38
N PRO A 352 40.10 8.67 5.62
CA PRO A 352 39.57 7.31 5.80
C PRO A 352 38.05 7.42 5.85
N PHE A 353 37.37 6.49 5.23
CA PHE A 353 35.94 6.53 5.11
C PHE A 353 35.28 6.28 6.48
N GLN A 354 33.98 6.62 6.63
CA GLN A 354 33.19 6.17 7.78
C GLN A 354 32.94 4.66 7.66
N ASP A 355 33.08 3.89 8.77
CA ASP A 355 33.02 2.41 8.67
C ASP A 355 31.72 1.94 8.07
N LYS A 356 30.62 2.62 8.44
CA LYS A 356 29.31 2.57 7.78
C LYS A 356 29.51 2.11 6.36
N ASP A 357 30.50 2.70 5.69
CA ASP A 357 30.44 2.79 4.25
C ASP A 357 31.26 1.71 3.57
N ILE A 358 32.03 0.96 4.34
CA ILE A 358 33.00 0.07 3.74
C ILE A 358 32.45 -1.35 3.67
N ILE A 359 32.32 -1.86 2.45
CA ILE A 359 32.05 -3.26 2.28
C ILE A 359 33.37 -4.02 2.23
N VAL A 360 34.14 -3.84 1.18
CA VAL A 360 35.47 -4.40 1.18
C VAL A 360 36.50 -3.29 1.41
N ALA A 361 37.39 -3.55 2.40
CA ALA A 361 38.49 -2.69 2.79
C ALA A 361 39.69 -2.91 1.84
N SER A 362 40.50 -1.85 1.66
CA SER A 362 41.59 -1.79 0.70
C SER A 362 42.69 -0.90 1.27
N GLY A 363 43.92 -1.02 0.76
CA GLY A 363 45.04 -0.27 1.39
C GLY A 363 45.45 0.99 0.62
N MET B 33 -39.73 -18.67 14.38
CA MET B 33 -39.41 -17.71 13.30
C MET B 33 -38.92 -18.45 12.06
N LYS B 34 -39.37 -17.98 10.91
CA LYS B 34 -38.76 -18.32 9.62
C LYS B 34 -38.01 -17.10 9.11
N ILE B 35 -36.70 -17.31 8.84
CA ILE B 35 -35.75 -16.25 8.53
C ILE B 35 -35.30 -16.40 7.07
N VAL B 36 -35.44 -15.34 6.29
CA VAL B 36 -35.05 -15.43 4.89
C VAL B 36 -33.84 -14.53 4.66
N ALA B 37 -32.85 -15.03 3.90
CA ALA B 37 -31.73 -14.18 3.54
C ALA B 37 -31.49 -14.22 2.04
N LEU B 38 -31.27 -13.02 1.46
CA LEU B 38 -30.73 -12.88 0.12
C LEU B 38 -29.26 -12.55 0.25
N PHE B 39 -28.44 -13.41 -0.32
CA PHE B 39 -27.05 -13.12 -0.57
C PHE B 39 -26.67 -13.52 -1.98
N PRO B 40 -25.62 -12.88 -2.54
CA PRO B 40 -25.01 -13.36 -3.79
C PRO B 40 -24.64 -14.85 -3.74
N GLU B 41 -24.78 -15.52 -4.89
CA GLU B 41 -24.15 -16.80 -5.23
C GLU B 41 -22.63 -16.75 -5.01
N ALA B 42 -22.02 -17.87 -4.58
CA ALA B 42 -20.57 -18.01 -4.32
C ALA B 42 -19.71 -18.00 -5.62
N VAL B 43 -18.41 -18.34 -5.55
CA VAL B 43 -17.66 -18.45 -6.81
C VAL B 43 -16.25 -19.01 -6.54
N GLU B 47 -13.48 -18.59 -3.04
CA GLU B 47 -14.32 -17.54 -2.42
C GLU B 47 -14.77 -17.89 -0.98
N ASN B 48 -13.83 -17.73 0.01
CA ASN B 48 -14.13 -17.51 1.46
C ASN B 48 -14.64 -16.06 1.80
N GLN B 49 -15.32 -15.41 0.86
CA GLN B 49 -16.25 -14.32 1.18
C GLN B 49 -17.28 -14.84 2.20
N LEU B 50 -17.72 -13.98 3.11
CA LEU B 50 -18.75 -14.36 4.09
C LEU B 50 -20.21 -14.08 3.60
N LEU B 51 -20.47 -12.88 3.02
CA LEU B 51 -21.79 -12.50 2.51
C LEU B 51 -22.11 -13.19 1.18
N ASN B 52 -22.69 -14.38 1.29
CA ASN B 52 -22.50 -15.42 0.32
C ASN B 52 -23.65 -16.41 0.44
N THR B 53 -24.04 -17.01 -0.71
CA THR B 53 -24.90 -18.17 -0.69
C THR B 53 -24.24 -19.33 0.05
N LYS B 54 -22.91 -19.42 0.00
CA LYS B 54 -22.23 -20.54 0.68
C LYS B 54 -22.10 -20.25 2.19
N LYS B 55 -21.47 -19.11 2.57
CA LYS B 55 -21.09 -18.94 3.97
C LYS B 55 -22.22 -18.27 4.77
N ALA B 56 -22.96 -17.34 4.11
CA ALA B 56 -24.20 -16.76 4.64
C ALA B 56 -24.01 -16.28 6.08
N ILE B 57 -22.83 -15.75 6.39
CA ILE B 57 -22.53 -15.20 7.70
C ILE B 57 -22.98 -16.15 8.81
N GLY B 58 -23.00 -17.46 8.52
CA GLY B 58 -23.01 -18.45 9.59
C GLY B 58 -24.40 -18.69 10.16
N LEU B 59 -25.40 -18.27 9.40
CA LEU B 59 -26.76 -18.25 9.90
C LEU B 59 -27.38 -19.67 9.82
N LYS B 60 -26.79 -20.57 9.01
CA LYS B 60 -27.37 -21.88 8.88
C LYS B 60 -27.45 -22.53 10.26
N THR B 61 -26.30 -22.75 10.88
CA THR B 61 -26.31 -23.64 12.04
C THR B 61 -26.74 -22.80 13.22
N PHE B 62 -26.32 -21.55 13.18
CA PHE B 62 -26.71 -20.60 14.18
C PHE B 62 -28.23 -20.63 14.39
N LEU B 63 -29.01 -20.59 13.29
CA LEU B 63 -30.47 -20.60 13.35
C LEU B 63 -31.01 -22.00 13.68
N GLU B 64 -30.66 -22.99 12.87
CA GLU B 64 -31.24 -24.33 13.06
C GLU B 64 -30.74 -24.95 14.36
N GLU B 65 -29.90 -24.22 15.12
CA GLU B 65 -29.43 -24.73 16.39
C GLU B 65 -30.28 -24.15 17.53
N ARG B 66 -31.23 -23.25 17.18
CA ARG B 66 -32.20 -22.67 18.10
C ARG B 66 -33.57 -22.77 17.43
N GLY B 67 -33.60 -23.51 16.31
CA GLY B 67 -34.81 -24.13 15.84
C GLY B 67 -35.59 -23.17 14.98
N HIS B 68 -34.90 -22.35 14.23
CA HIS B 68 -35.60 -21.47 13.31
C HIS B 68 -35.48 -22.03 11.90
N GLU B 69 -36.37 -21.59 11.02
CA GLU B 69 -36.27 -22.00 9.63
C GLU B 69 -35.38 -21.01 8.89
N PHE B 70 -34.46 -21.51 8.04
CA PHE B 70 -33.53 -20.62 7.37
C PHE B 70 -33.53 -20.84 5.86
N ILE B 71 -33.83 -19.79 5.11
CA ILE B 71 -33.99 -19.91 3.68
C ILE B 71 -33.08 -18.90 2.99
N ILE B 72 -32.10 -19.41 2.22
CA ILE B 72 -31.19 -18.55 1.49
C ILE B 72 -31.53 -18.56 -0.02
N LEU B 73 -31.49 -17.35 -0.66
CA LEU B 73 -31.71 -17.21 -2.11
C LEU B 73 -30.52 -16.51 -2.78
N GLY B 77 -31.60 -14.10 -5.96
CA GLY B 77 -32.75 -13.71 -6.80
C GLY B 77 -33.95 -13.23 -5.96
N GLU B 78 -34.71 -12.24 -6.49
CA GLU B 78 -35.90 -11.72 -5.81
C GLU B 78 -37.21 -12.25 -6.46
N ASP B 79 -37.16 -13.43 -7.13
CA ASP B 79 -38.40 -14.06 -7.59
C ASP B 79 -38.88 -15.07 -6.55
N LEU B 80 -38.30 -15.00 -5.34
CA LEU B 80 -38.97 -15.42 -4.11
C LEU B 80 -39.64 -14.21 -3.41
N ASP B 81 -40.54 -13.57 -4.14
CA ASP B 81 -41.84 -13.23 -3.58
C ASP B 81 -42.40 -14.48 -2.90
N LYS B 82 -42.17 -15.63 -3.54
CA LYS B 82 -42.78 -16.93 -3.27
C LYS B 82 -42.44 -17.45 -1.85
N HIS B 83 -42.53 -16.56 -0.84
CA HIS B 83 -41.86 -16.76 0.43
C HIS B 83 -42.27 -15.70 1.43
N LEU B 84 -42.90 -14.62 0.94
CA LEU B 84 -43.03 -13.45 1.79
C LEU B 84 -44.41 -13.38 2.48
N PRO B 85 -45.35 -14.34 2.20
CA PRO B 85 -46.57 -14.51 3.01
C PRO B 85 -46.40 -14.70 4.51
N ASP B 86 -45.20 -15.01 4.94
CA ASP B 86 -45.08 -15.71 6.23
C ASP B 86 -43.66 -15.59 6.77
N MET B 87 -42.72 -15.13 5.95
CA MET B 87 -41.43 -14.90 6.52
C MET B 87 -41.59 -14.03 7.76
N ASP B 88 -40.86 -14.40 8.83
CA ASP B 88 -40.82 -13.64 10.08
C ASP B 88 -39.77 -12.51 10.01
N VAL B 89 -38.66 -12.78 9.32
CA VAL B 89 -37.51 -11.89 9.26
C VAL B 89 -36.91 -11.98 7.85
N ILE B 90 -36.64 -10.82 7.24
CA ILE B 90 -35.83 -10.82 6.04
C ILE B 90 -34.45 -10.26 6.38
N ILE B 91 -33.45 -10.69 5.60
CA ILE B 91 -32.07 -10.23 5.76
C ILE B 91 -31.47 -10.06 4.36
N SER B 92 -30.72 -8.94 4.16
CA SER B 92 -29.91 -8.78 2.97
C SER B 92 -28.81 -7.75 3.19
N ALA B 93 -27.86 -7.68 2.22
CA ALA B 93 -26.75 -6.72 2.27
C ALA B 93 -27.02 -5.61 1.27
N PRO B 94 -26.47 -4.39 1.53
CA PRO B 94 -26.93 -3.16 0.86
C PRO B 94 -26.51 -3.14 -0.60
N PHE B 95 -25.45 -3.93 -0.91
CA PHE B 95 -24.87 -4.07 -2.25
C PHE B 95 -25.51 -5.27 -2.99
N TYR B 96 -26.58 -5.83 -2.44
CA TYR B 96 -27.34 -6.88 -3.12
C TYR B 96 -28.68 -7.03 -2.37
N PRO B 97 -29.53 -6.00 -2.44
CA PRO B 97 -30.69 -5.92 -1.56
C PRO B 97 -31.84 -6.79 -2.01
N ALA B 98 -32.52 -7.37 -1.05
CA ALA B 98 -33.92 -7.68 -1.22
C ALA B 98 -34.75 -6.41 -0.97
N TYR B 99 -35.30 -5.82 -2.04
CA TYR B 99 -36.13 -4.61 -1.95
C TYR B 99 -37.42 -4.88 -1.20
N MET B 100 -37.65 -4.11 -0.14
CA MET B 100 -38.90 -4.22 0.56
C MET B 100 -39.80 -3.05 0.22
N THR B 101 -40.46 -3.17 -0.95
CA THR B 101 -41.34 -2.14 -1.48
C THR B 101 -42.61 -2.14 -0.66
N ARG B 102 -43.38 -1.05 -0.71
CA ARG B 102 -44.66 -1.09 -0.04
C ARG B 102 -45.44 -2.28 -0.60
N GLU B 103 -45.38 -2.45 -1.94
CA GLU B 103 -46.15 -3.46 -2.64
C GLU B 103 -45.87 -4.79 -1.95
N ARG B 104 -44.58 -5.10 -1.76
CA ARG B 104 -44.23 -6.40 -1.24
C ARG B 104 -44.49 -6.51 0.26
N ILE B 105 -44.49 -5.40 0.99
CA ILE B 105 -44.63 -5.43 2.45
C ILE B 105 -46.06 -5.82 2.78
N GLU B 106 -47.02 -5.21 2.02
CA GLU B 106 -48.46 -5.40 2.17
C GLU B 106 -48.77 -6.89 2.05
N LYS B 107 -48.07 -7.59 1.14
CA LYS B 107 -48.16 -9.02 0.91
C LYS B 107 -47.38 -9.84 1.99
N ALA B 108 -46.70 -9.17 2.93
CA ALA B 108 -45.73 -9.87 3.77
C ALA B 108 -46.13 -9.82 5.25
N PRO B 109 -47.30 -10.34 5.63
CA PRO B 109 -47.98 -9.84 6.82
C PRO B 109 -47.35 -10.32 8.13
N ASN B 110 -46.34 -11.18 8.04
CA ASN B 110 -45.82 -11.86 9.24
C ASN B 110 -44.41 -11.35 9.59
N LEU B 111 -43.92 -10.43 8.76
CA LEU B 111 -42.55 -9.95 8.81
C LEU B 111 -42.43 -8.93 9.92
N LYS B 112 -41.43 -9.11 10.76
CA LYS B 112 -41.39 -8.34 11.99
C LYS B 112 -40.08 -7.55 11.98
N LEU B 113 -39.12 -8.04 11.18
CA LEU B 113 -37.74 -7.56 11.24
C LEU B 113 -37.06 -7.69 9.88
N ALA B 114 -36.73 -6.53 9.31
CA ALA B 114 -35.87 -6.44 8.17
C ALA B 114 -34.43 -6.08 8.61
N ILE B 115 -33.50 -7.03 8.45
CA ILE B 115 -32.14 -6.75 8.87
C ILE B 115 -31.35 -6.35 7.65
N THR B 116 -30.63 -5.25 7.72
CA THR B 116 -29.66 -4.98 6.66
C THR B 116 -28.26 -5.47 7.07
N ALA B 117 -27.73 -6.52 6.42
CA ALA B 117 -26.39 -6.95 6.76
C ALA B 117 -25.40 -5.90 6.27
N GLY B 118 -25.19 -4.89 7.11
CA GLY B 118 -24.53 -3.67 6.71
C GLY B 118 -25.32 -2.43 7.16
N VAL B 119 -25.16 -1.36 6.39
CA VAL B 119 -25.52 -0.02 6.80
C VAL B 119 -26.14 0.66 5.58
N GLY B 120 -27.44 0.82 5.59
CA GLY B 120 -28.04 1.54 4.48
C GLY B 120 -29.27 0.84 3.99
N SER B 121 -30.40 1.45 4.25
CA SER B 121 -31.66 0.75 4.17
C SER B 121 -32.50 1.39 3.11
N ASP B 122 -31.84 2.00 2.12
CA ASP B 122 -32.45 2.62 0.94
C ASP B 122 -33.47 1.66 0.35
N HIS B 123 -33.18 0.39 0.49
CA HIS B 123 -33.83 -0.67 -0.28
C HIS B 123 -35.17 -1.05 0.39
N VAL B 124 -35.49 -0.40 1.50
CA VAL B 124 -36.66 -0.78 2.30
C VAL B 124 -37.55 0.45 2.39
N ASP B 125 -38.83 0.28 2.11
CA ASP B 125 -39.72 1.43 2.19
C ASP B 125 -40.05 1.67 3.66
N LEU B 126 -39.35 2.66 4.24
CA LEU B 126 -39.43 2.87 5.68
C LEU B 126 -40.86 3.30 6.09
N ALA B 127 -41.46 4.19 5.27
CA ALA B 127 -42.83 4.63 5.46
C ALA B 127 -43.75 3.42 5.76
N ALA B 128 -43.78 2.45 4.81
CA ALA B 128 -44.63 1.27 4.91
C ALA B 128 -44.21 0.36 6.09
N ALA B 129 -42.89 0.03 6.16
CA ALA B 129 -42.29 -0.62 7.32
C ALA B 129 -42.96 -0.14 8.59
N SER B 130 -42.83 1.17 8.82
CA SER B 130 -43.35 1.86 9.99
C SER B 130 -44.82 1.48 10.27
N GLU B 131 -45.66 1.54 9.20
CA GLU B 131 -47.10 1.45 9.30
C GLU B 131 -47.58 0.00 9.46
N HIS B 132 -46.78 -0.97 8.99
CA HIS B 132 -47.13 -2.39 9.17
C HIS B 132 -46.39 -2.98 10.36
N ASN B 133 -45.67 -2.07 11.07
CA ASN B 133 -44.99 -2.37 12.33
C ASN B 133 -43.99 -3.51 12.13
N ILE B 134 -43.26 -3.42 11.01
CA ILE B 134 -41.98 -4.11 10.81
C ILE B 134 -40.86 -3.24 11.40
N GLY B 135 -39.96 -3.83 12.21
CA GLY B 135 -38.70 -3.22 12.59
C GLY B 135 -37.66 -3.28 11.46
N VAL B 136 -37.03 -2.17 11.17
CA VAL B 136 -35.88 -2.16 10.26
C VAL B 136 -34.61 -1.82 11.07
N VAL B 137 -33.62 -2.70 11.00
CA VAL B 137 -32.41 -2.59 11.78
C VAL B 137 -31.18 -2.76 10.90
N GLU B 138 -30.08 -2.18 11.38
CA GLU B 138 -28.84 -2.12 10.63
C GLU B 138 -27.75 -2.61 11.54
N VAL B 139 -26.61 -3.00 10.95
CA VAL B 139 -25.46 -3.34 11.75
C VAL B 139 -24.47 -2.24 11.55
N THR B 140 -24.23 -1.45 12.61
CA THR B 140 -23.40 -0.27 12.47
C THR B 140 -21.92 -0.64 12.47
N GLY B 141 -21.53 -1.65 11.65
CA GLY B 141 -20.14 -2.08 11.51
C GLY B 141 -19.21 -0.88 11.37
N SER B 142 -18.10 -0.89 12.14
CA SER B 142 -17.38 0.37 12.34
C SER B 142 -15.97 0.37 11.71
N ASN B 143 -15.88 1.02 10.53
CA ASN B 143 -14.69 0.94 9.71
C ASN B 143 -13.93 2.24 9.79
N THR B 144 -13.95 2.91 10.92
CA THR B 144 -13.12 4.09 10.98
C THR B 144 -11.66 3.73 10.66
N VAL B 145 -11.13 2.70 11.29
CA VAL B 145 -9.70 2.35 11.19
C VAL B 145 -9.40 1.94 9.77
N SER B 146 -10.28 1.10 9.22
CA SER B 146 -10.18 0.71 7.81
C SER B 146 -9.96 1.94 6.98
N VAL B 147 -10.82 2.92 7.13
CA VAL B 147 -10.79 4.02 6.20
C VAL B 147 -9.46 4.76 6.40
N ALA B 148 -9.01 4.77 7.63
CA ALA B 148 -7.81 5.52 7.85
C ALA B 148 -6.66 4.84 7.13
N GLU B 149 -6.58 3.51 7.28
CA GLU B 149 -5.52 2.73 6.63
C GLU B 149 -5.58 3.00 5.13
N HIS B 150 -6.78 2.95 4.59
CA HIS B 150 -6.93 3.13 3.18
C HIS B 150 -6.35 4.46 2.75
N ALA B 151 -6.53 5.49 3.58
CA ALA B 151 -6.20 6.81 3.08
C ALA B 151 -4.71 6.94 3.11
N VAL B 152 -4.13 6.30 4.14
CA VAL B 152 -2.71 6.42 4.39
C VAL B 152 -1.96 5.70 3.25
N MET B 153 -2.56 4.63 2.80
CA MET B 153 -2.06 3.83 1.71
C MET B 153 -2.11 4.64 0.43
N ASP B 154 -3.21 5.37 0.24
CA ASP B 154 -3.33 6.24 -0.94
C ASP B 154 -2.22 7.27 -0.93
N LEU B 155 -1.97 7.90 0.23
CA LEU B 155 -0.86 8.83 0.27
C LEU B 155 0.41 8.15 -0.21
N LEU B 156 0.73 7.01 0.40
CA LEU B 156 1.92 6.27 0.01
C LEU B 156 1.94 5.98 -1.53
N ILE B 157 0.87 5.34 -2.04
CA ILE B 157 0.83 4.96 -3.44
C ILE B 157 1.09 6.17 -4.31
N LEU B 158 0.46 7.29 -3.96
CA LEU B 158 0.57 8.52 -4.75
C LEU B 158 2.04 9.04 -4.73
N LEU B 159 2.61 9.31 -3.52
CA LEU B 159 3.84 10.09 -3.45
C LEU B 159 5.05 9.27 -3.94
N ARG B 160 5.31 8.15 -3.28
CA ARG B 160 6.05 7.07 -3.91
C ARG B 160 5.23 6.79 -5.16
N ASN B 161 5.89 6.49 -6.27
CA ASN B 161 5.14 6.59 -7.50
C ASN B 161 4.64 5.17 -7.88
N TYR B 162 3.95 4.50 -6.89
CA TYR B 162 3.71 3.06 -6.97
C TYR B 162 3.01 2.69 -8.27
N GLU B 163 2.13 3.52 -8.74
CA GLU B 163 1.35 3.10 -9.90
C GLU B 163 2.27 2.86 -11.11
N GLU B 164 3.17 3.79 -11.33
CA GLU B 164 4.09 3.71 -12.46
C GLU B 164 5.08 2.59 -12.15
N GLY B 165 5.48 2.53 -10.87
CA GLY B 165 6.42 1.51 -10.43
C GLY B 165 5.90 0.12 -10.75
N HIS B 166 4.57 -0.05 -10.66
CA HIS B 166 3.96 -1.36 -10.86
C HIS B 166 3.68 -1.61 -12.33
N ARG B 167 3.25 -0.57 -13.05
CA ARG B 167 3.00 -0.70 -14.47
C ARG B 167 4.27 -1.19 -15.16
N GLN B 168 5.41 -0.51 -14.89
CA GLN B 168 6.70 -0.93 -15.43
C GLN B 168 6.93 -2.39 -15.14
N SER B 169 6.55 -2.83 -13.94
CA SER B 169 6.86 -4.21 -13.56
C SER B 169 6.12 -5.18 -14.44
N VAL B 170 4.81 -5.18 -14.27
CA VAL B 170 3.87 -5.88 -15.10
C VAL B 170 4.21 -5.66 -16.59
N GLU B 171 4.73 -4.48 -16.98
CA GLU B 171 4.82 -4.20 -18.40
C GLU B 171 6.11 -4.77 -18.98
N GLY B 172 7.05 -5.16 -18.10
CA GLY B 172 8.35 -5.68 -18.55
C GLY B 172 9.35 -4.58 -18.87
N GLU B 173 9.07 -3.35 -18.41
CA GLU B 173 10.04 -2.30 -18.66
C GLU B 173 10.96 -2.27 -17.46
N TRP B 174 11.98 -1.39 -17.53
CA TRP B 174 12.89 -1.05 -16.45
C TRP B 174 13.45 0.33 -16.79
N ASN B 175 12.57 1.33 -16.72
CA ASN B 175 12.96 2.70 -16.97
C ASN B 175 13.92 3.18 -15.90
N LEU B 176 13.34 3.87 -14.93
CA LEU B 176 14.03 4.36 -13.77
C LEU B 176 14.06 5.89 -13.79
N SER B 177 14.35 6.50 -14.96
CA SER B 177 14.07 7.91 -15.06
C SER B 177 12.56 8.14 -14.92
N GLN B 178 11.81 7.24 -15.54
CA GLN B 178 10.37 7.34 -15.64
C GLN B 178 9.74 7.25 -14.26
N VAL B 179 10.05 6.24 -13.48
CA VAL B 179 9.42 6.08 -12.20
C VAL B 179 10.12 6.97 -11.17
N GLY B 180 11.43 7.06 -11.26
CA GLY B 180 12.08 7.89 -10.27
C GLY B 180 11.63 9.35 -10.39
N ASN B 181 11.39 9.77 -11.62
CA ASN B 181 11.06 11.16 -11.93
C ASN B 181 9.97 11.75 -11.01
N HIS B 182 9.11 10.94 -10.39
CA HIS B 182 8.06 11.50 -9.52
C HIS B 182 7.89 10.67 -8.28
N ALA B 183 8.97 10.04 -7.87
CA ALA B 183 8.91 9.21 -6.70
C ALA B 183 9.51 9.97 -5.53
N HIS B 184 8.71 10.11 -4.44
CA HIS B 184 9.02 10.95 -3.30
C HIS B 184 8.90 10.14 -2.02
N GLU B 185 9.71 10.52 -1.03
CA GLU B 185 9.46 10.02 0.30
C GLU B 185 8.25 10.75 0.85
N LEU B 186 7.44 10.04 1.61
CA LEU B 186 6.42 10.70 2.36
C LEU B 186 7.09 11.55 3.42
N GLN B 187 8.27 11.11 3.88
CA GLN B 187 8.93 11.81 4.94
C GLN B 187 9.24 13.23 4.52
N HIS B 188 9.09 14.14 5.51
CA HIS B 188 9.41 15.54 5.35
C HIS B 188 8.31 16.31 4.63
N LYS B 189 7.29 15.62 4.12
CA LYS B 189 6.24 16.30 3.38
C LYS B 189 5.28 16.97 4.36
N THR B 190 4.58 18.00 3.89
CA THR B 190 3.54 18.58 4.75
C THR B 190 2.22 18.02 4.30
N ILE B 191 1.48 17.43 5.25
CA ILE B 191 0.21 16.85 4.88
C ILE B 191 -0.92 17.55 5.60
N GLY B 192 -1.88 18.01 4.80
CA GLY B 192 -3.03 18.75 5.26
C GLY B 192 -4.23 17.81 5.39
N ILE B 193 -4.82 17.78 6.60
CA ILE B 193 -6.05 17.02 6.80
C ILE B 193 -7.23 17.97 6.90
N PHE B 194 -8.12 17.82 5.91
CA PHE B 194 -9.34 18.57 5.92
C PHE B 194 -10.40 17.80 6.72
N GLY B 195 -10.49 18.09 8.02
CA GLY B 195 -11.60 17.59 8.78
C GLY B 195 -11.16 16.61 9.85
N PHE B 196 -11.14 17.12 11.07
CA PHE B 196 -10.36 16.51 12.10
C PHE B 196 -11.28 15.82 13.08
N GLY B 197 -12.13 14.91 12.58
CA GLY B 197 -12.91 14.04 13.42
C GLY B 197 -12.16 12.75 13.70
N ARG B 198 -12.92 11.65 13.94
CA ARG B 198 -12.36 10.34 14.29
C ARG B 198 -11.34 9.93 13.22
N ILE B 199 -11.79 9.87 11.96
CA ILE B 199 -10.94 9.42 10.85
C ILE B 199 -9.73 10.33 10.62
N GLY B 200 -9.94 11.63 10.61
CA GLY B 200 -8.78 12.50 10.49
C GLY B 200 -7.78 12.16 11.58
N GLN B 201 -8.26 12.10 12.79
CA GLN B 201 -7.43 11.83 13.95
C GLN B 201 -6.79 10.44 13.78
N LEU B 202 -7.57 9.49 13.34
CA LEU B 202 -7.03 8.20 13.18
C LEU B 202 -5.89 8.27 12.13
N VAL B 203 -6.10 9.09 11.09
CA VAL B 203 -5.11 9.18 10.04
C VAL B 203 -3.83 9.88 10.55
N ALA B 204 -4.02 10.89 11.42
CA ALA B 204 -2.87 11.59 11.99
C ALA B 204 -1.95 10.62 12.72
N GLU B 205 -2.53 9.83 13.65
CA GLU B 205 -1.75 8.97 14.49
C GLU B 205 -0.90 8.06 13.60
N ARG B 206 -1.52 7.52 12.51
CA ARG B 206 -0.78 6.68 11.58
C ARG B 206 0.19 7.51 10.78
N LEU B 207 -0.08 8.79 10.54
CA LEU B 207 0.91 9.49 9.72
C LEU B 207 2.08 9.93 10.60
N ALA B 208 1.88 10.02 11.91
CA ALA B 208 2.86 10.73 12.74
C ALA B 208 4.27 10.15 12.60
N PRO B 209 4.44 8.82 12.64
CA PRO B 209 5.78 8.25 12.67
C PRO B 209 6.39 8.17 11.29
N PHE B 210 5.96 9.02 10.39
CA PHE B 210 6.57 8.99 9.07
C PHE B 210 7.31 10.26 8.87
N ASN B 211 7.25 11.12 9.89
CA ASN B 211 8.13 12.27 10.01
C ASN B 211 7.82 13.26 8.92
N VAL B 212 6.56 13.67 8.97
CA VAL B 212 5.94 14.60 8.07
C VAL B 212 5.44 15.74 8.96
N THR B 213 5.19 16.90 8.39
CA THR B 213 4.47 17.94 9.09
C THR B 213 2.98 17.74 8.83
N LEU B 214 2.20 17.57 9.91
CA LEU B 214 0.75 17.49 9.80
C LEU B 214 0.15 18.83 10.08
N GLN B 215 -0.83 19.21 9.26
CA GLN B 215 -1.63 20.39 9.53
C GLN B 215 -3.08 20.06 9.21
N HIS B 216 -4.04 20.67 9.92
CA HIS B 216 -5.43 20.35 9.72
C HIS B 216 -6.25 21.58 9.75
N TYR B 217 -7.37 21.50 9.06
CA TYR B 217 -8.48 22.41 9.24
C TYR B 217 -9.71 21.66 9.74
N ASP B 218 -10.35 22.30 10.70
CA ASP B 218 -11.58 21.81 11.30
C ASP B 218 -12.42 23.04 11.67
N PRO B 219 -13.75 22.99 11.47
CA PRO B 219 -14.62 24.03 11.98
C PRO B 219 -14.61 24.04 13.50
N ILE B 220 -14.18 22.95 14.13
CA ILE B 220 -14.25 22.93 15.57
C ILE B 220 -12.89 22.79 16.23
N ASN B 221 -12.10 21.77 15.87
CA ASN B 221 -10.82 21.62 16.57
C ASN B 221 -9.79 22.60 16.01
N GLN B 222 -9.92 23.89 16.39
CA GLN B 222 -9.09 24.94 15.82
C GLN B 222 -7.94 25.30 16.76
N GLN B 223 -7.67 24.40 17.73
CA GLN B 223 -6.46 24.46 18.57
C GLN B 223 -5.38 23.53 17.98
N ASP B 224 -4.11 23.87 18.20
CA ASP B 224 -3.05 22.98 17.78
C ASP B 224 -3.25 21.63 18.48
N HIS B 225 -2.86 20.53 17.84
CA HIS B 225 -3.05 19.20 18.37
C HIS B 225 -1.67 18.58 18.49
N LYS B 226 -1.44 17.82 19.55
CA LYS B 226 -0.11 17.30 19.80
C LYS B 226 0.11 16.21 18.78
N LEU B 227 0.60 16.58 17.57
CA LEU B 227 0.39 15.81 16.31
C LEU B 227 0.18 16.71 15.05
N SER B 228 -0.97 17.49 14.95
CA SER B 228 -1.23 18.46 13.86
C SER B 228 -1.36 19.90 14.37
N LYS B 229 -0.73 20.85 13.64
CA LYS B 229 -0.96 22.31 13.80
C LYS B 229 -2.28 22.70 13.13
N PHE B 230 -3.20 23.30 13.91
CA PHE B 230 -4.37 23.94 13.32
C PHE B 230 -3.91 24.95 12.27
N VAL B 231 -4.72 25.09 11.22
CA VAL B 231 -4.35 26.04 10.18
C VAL B 231 -5.61 26.44 9.43
N SER B 232 -5.64 27.68 8.95
CA SER B 232 -6.75 28.11 8.10
C SER B 232 -6.82 27.27 6.82
N PHE B 233 -8.01 27.20 6.25
CA PHE B 233 -8.30 26.37 5.13
C PHE B 233 -7.54 26.92 3.94
N ASP B 234 -7.65 28.21 3.74
CA ASP B 234 -6.79 28.85 2.78
C ASP B 234 -5.43 28.19 2.85
N GLU B 235 -4.88 28.17 4.05
CA GLU B 235 -3.47 27.83 4.18
C GLU B 235 -3.31 26.30 3.97
N LEU B 236 -4.22 25.52 4.51
CA LEU B 236 -4.24 24.13 4.19
C LEU B 236 -4.08 23.93 2.69
N VAL B 237 -4.93 24.62 1.91
CA VAL B 237 -5.01 24.37 0.48
C VAL B 237 -3.65 24.64 -0.13
N SER B 238 -3.03 25.73 0.29
CA SER B 238 -1.93 26.26 -0.52
C SER B 238 -0.58 25.76 -0.04
N SER B 239 -0.52 25.29 1.21
CA SER B 239 0.76 24.98 1.81
C SER B 239 1.02 23.47 1.82
N SER B 240 -0.04 22.66 1.63
CA SER B 240 0.06 21.22 1.83
C SER B 240 0.70 20.60 0.61
N ASP B 241 1.50 19.57 0.83
CA ASP B 241 2.12 18.79 -0.25
C ASP B 241 1.03 17.88 -0.81
N ALA B 242 0.28 17.29 0.08
CA ALA B 242 -0.85 16.42 -0.27
C ALA B 242 -1.96 16.73 0.73
N ILE B 243 -3.20 16.74 0.29
CA ILE B 243 -4.33 16.96 1.22
C ILE B 243 -5.17 15.69 1.31
N THR B 244 -5.57 15.30 2.50
CA THR B 244 -6.52 14.18 2.63
C THR B 244 -7.81 14.75 3.21
N ILE B 245 -8.95 14.39 2.64
CA ILE B 245 -10.27 14.91 3.07
C ILE B 245 -10.92 13.94 4.05
N HIS B 246 -11.19 14.36 5.27
CA HIS B 246 -11.84 13.45 6.24
C HIS B 246 -13.12 14.08 6.78
N ALA B 247 -13.77 14.89 5.96
CA ALA B 247 -14.95 15.67 6.35
C ALA B 247 -16.29 15.06 5.94
N PRO B 248 -17.37 15.45 6.63
CA PRO B 248 -18.71 15.01 6.28
C PRO B 248 -19.29 15.79 5.11
N LEU B 249 -20.25 15.23 4.41
CA LEU B 249 -20.91 15.96 3.31
C LEU B 249 -22.04 16.85 3.87
N THR B 250 -21.68 18.11 3.98
CA THR B 250 -22.52 19.23 4.45
C THR B 250 -22.68 20.21 3.29
N PRO B 251 -23.48 21.27 3.43
CA PRO B 251 -23.64 22.22 2.35
C PRO B 251 -22.39 23.06 2.04
N GLU B 252 -21.45 23.16 2.98
CA GLU B 252 -20.20 23.92 2.82
C GLU B 252 -19.06 23.00 2.39
N THR B 253 -19.20 21.69 2.49
CA THR B 253 -18.20 20.73 1.96
C THR B 253 -18.70 20.28 0.59
N ASP B 254 -19.98 20.49 0.30
CA ASP B 254 -20.47 20.14 -1.04
C ASP B 254 -19.73 21.01 -2.05
N ASN B 255 -19.01 20.35 -2.95
CA ASN B 255 -18.25 20.99 -4.05
C ASN B 255 -17.19 21.95 -3.54
N LEU B 256 -16.61 21.70 -2.37
CA LEU B 256 -15.63 22.65 -1.82
C LEU B 256 -14.36 22.57 -2.64
N PHE B 257 -14.01 21.38 -3.07
CA PHE B 257 -12.80 21.16 -3.88
C PHE B 257 -13.24 21.21 -5.33
N ASP B 258 -13.58 22.41 -5.77
CA ASP B 258 -14.00 22.75 -7.14
C ASP B 258 -12.77 23.24 -7.89
N LYS B 259 -12.97 23.90 -9.00
CA LYS B 259 -11.86 24.31 -9.87
C LYS B 259 -10.99 25.36 -9.19
N ASP B 260 -11.57 26.19 -8.34
CA ASP B 260 -10.81 27.28 -7.71
C ASP B 260 -9.86 26.78 -6.63
N VAL B 261 -10.33 25.89 -5.77
CA VAL B 261 -9.51 25.38 -4.64
C VAL B 261 -8.42 24.46 -5.16
N LEU B 262 -8.70 23.75 -6.23
CA LEU B 262 -7.81 22.77 -6.86
C LEU B 262 -6.58 23.47 -7.42
N SER B 263 -6.77 24.67 -7.95
CA SER B 263 -5.74 25.51 -8.56
C SER B 263 -5.06 26.39 -7.53
N ARG B 264 -5.65 26.51 -6.35
CA ARG B 264 -5.10 27.27 -5.21
C ARG B 264 -4.08 26.36 -4.49
N MET B 265 -4.26 25.05 -4.69
CA MET B 265 -3.37 23.97 -4.24
C MET B 265 -2.06 24.13 -4.99
N LYS B 266 -0.94 23.71 -4.43
CA LYS B 266 0.30 23.92 -5.19
C LYS B 266 0.34 23.09 -6.47
N LYS B 267 1.32 23.39 -7.34
CA LYS B 267 1.63 22.55 -8.51
C LYS B 267 2.08 21.21 -8.01
N HIS B 268 1.70 20.13 -8.69
CA HIS B 268 2.34 18.82 -8.44
C HIS B 268 2.01 18.26 -7.06
N SER B 269 1.07 18.89 -6.37
CA SER B 269 0.59 18.30 -5.14
C SER B 269 -0.36 17.14 -5.45
N TYR B 270 -0.94 16.59 -4.37
CA TYR B 270 -1.70 15.36 -4.40
C TYR B 270 -2.98 15.55 -3.57
N LEU B 271 -4.05 14.87 -3.98
CA LEU B 271 -5.30 14.94 -3.27
C LEU B 271 -5.80 13.54 -3.02
N VAL B 272 -6.22 13.28 -1.80
CA VAL B 272 -6.72 11.98 -1.44
C VAL B 272 -8.04 12.20 -0.78
N ASN B 273 -9.03 11.45 -1.26
CA ASN B 273 -10.39 11.66 -0.80
C ASN B 273 -11.07 10.32 -0.64
N THR B 274 -11.22 9.93 0.60
CA THR B 274 -11.95 8.77 1.02
C THR B 274 -13.07 9.25 1.94
N ALA B 275 -13.49 10.53 1.80
CA ALA B 275 -14.63 11.04 2.60
C ALA B 275 -15.92 10.92 1.82
N ARG B 276 -16.25 11.91 0.97
CA ARG B 276 -17.35 11.67 0.05
C ARG B 276 -17.05 12.21 -1.35
N GLY B 277 -17.46 11.52 -2.37
CA GLY B 277 -17.15 11.96 -3.73
C GLY B 277 -17.53 13.42 -4.03
N LYS B 278 -18.76 13.88 -3.63
CA LYS B 278 -19.23 15.22 -4.09
C LYS B 278 -18.45 16.35 -3.42
N ILE B 279 -17.61 16.05 -2.45
CA ILE B 279 -16.77 17.10 -1.89
C ILE B 279 -15.79 17.58 -2.93
N VAL B 280 -15.52 16.69 -3.91
CA VAL B 280 -14.59 17.09 -4.94
C VAL B 280 -15.29 17.14 -6.27
N ASN B 281 -15.12 18.27 -6.94
CA ASN B 281 -15.84 18.53 -8.17
C ASN B 281 -15.40 17.55 -9.27
N ARG B 282 -16.30 16.66 -9.64
CA ARG B 282 -15.99 15.56 -10.54
C ARG B 282 -15.13 16.06 -11.68
N ASP B 283 -15.56 17.11 -12.33
CA ASP B 283 -15.01 17.42 -13.64
C ASP B 283 -13.79 18.32 -13.47
N ALA B 284 -13.88 19.27 -12.52
CA ALA B 284 -12.73 20.07 -12.17
C ALA B 284 -11.50 19.18 -11.93
N LEU B 285 -11.67 18.05 -11.24
CA LEU B 285 -10.51 17.31 -10.83
C LEU B 285 -9.84 16.66 -12.05
N VAL B 286 -10.68 16.23 -12.98
CA VAL B 286 -10.14 15.64 -14.21
C VAL B 286 -9.29 16.72 -14.94
N GLU B 287 -9.81 17.96 -14.99
CA GLU B 287 -9.07 19.05 -15.60
C GLU B 287 -7.75 19.22 -14.86
N ALA B 288 -7.78 19.01 -13.54
CA ALA B 288 -6.64 19.32 -12.69
C ALA B 288 -5.51 18.29 -12.90
N LEU B 289 -5.86 17.01 -13.06
CA LEU B 289 -4.86 16.02 -13.44
C LEU B 289 -4.40 16.31 -14.89
N ALA B 290 -5.35 16.34 -15.84
CA ALA B 290 -5.00 16.39 -17.25
C ALA B 290 -4.01 17.54 -17.53
N SER B 291 -4.16 18.64 -16.83
CA SER B 291 -3.30 19.79 -17.02
C SER B 291 -1.98 19.60 -16.29
N GLU B 292 -1.93 18.62 -15.33
CA GLU B 292 -0.78 18.30 -14.49
C GLU B 292 -0.59 19.33 -13.39
N HIS B 293 -1.63 20.12 -13.09
CA HIS B 293 -1.61 20.86 -11.84
C HIS B 293 -1.54 19.89 -10.68
N LEU B 294 -2.28 18.80 -10.75
CA LEU B 294 -2.17 17.80 -9.68
C LEU B 294 -1.31 16.63 -10.13
N GLN B 295 -0.30 16.27 -9.29
CA GLN B 295 0.48 15.11 -9.65
C GLN B 295 -0.36 13.86 -9.52
N GLY B 296 -1.27 13.83 -8.56
CA GLY B 296 -1.97 12.59 -8.27
C GLY B 296 -3.24 12.77 -7.46
N TYR B 297 -4.12 11.74 -7.58
CA TYR B 297 -5.38 11.66 -6.85
C TYR B 297 -5.70 10.20 -6.59
N ALA B 298 -6.11 9.91 -5.35
CA ALA B 298 -6.59 8.58 -4.96
C ALA B 298 -7.71 8.77 -4.00
N GLY B 299 -8.37 7.66 -3.68
CA GLY B 299 -9.56 7.61 -2.85
C GLY B 299 -10.50 6.52 -3.31
N ASP B 300 -11.58 6.30 -2.56
CA ASP B 300 -12.48 5.18 -2.85
C ASP B 300 -13.95 5.61 -2.77
N VAL B 301 -14.23 6.93 -2.90
CA VAL B 301 -15.59 7.46 -2.78
C VAL B 301 -15.91 8.22 -4.04
N TRP B 302 -17.17 8.14 -4.49
CA TRP B 302 -17.51 8.57 -5.84
C TRP B 302 -18.80 9.35 -5.87
N TYR B 303 -18.96 10.16 -6.95
CA TYR B 303 -20.27 10.70 -7.32
C TYR B 303 -20.74 10.24 -8.74
N PRO B 304 -21.78 9.40 -8.83
CA PRO B 304 -22.43 8.84 -7.64
C PRO B 304 -21.91 7.43 -7.35
N GLN B 305 -22.47 6.73 -6.35
CA GLN B 305 -21.95 5.44 -5.97
C GLN B 305 -23.09 4.48 -5.86
N PRO B 306 -22.95 3.23 -6.38
CA PRO B 306 -21.78 2.83 -7.15
C PRO B 306 -21.48 3.76 -8.31
N ALA B 307 -20.19 3.95 -8.57
CA ALA B 307 -19.73 4.65 -9.75
C ALA B 307 -20.24 3.98 -11.01
N PRO B 308 -20.94 4.75 -11.86
CA PRO B 308 -21.23 4.33 -13.22
C PRO B 308 -19.97 3.79 -13.86
N ALA B 309 -20.16 2.78 -14.72
CA ALA B 309 -19.09 2.09 -15.41
C ALA B 309 -18.17 3.05 -16.17
N ASP B 310 -18.69 4.21 -16.59
CA ASP B 310 -17.90 5.11 -17.44
C ASP B 310 -17.45 6.33 -16.65
N HIS B 311 -17.57 6.29 -15.32
CA HIS B 311 -17.19 7.41 -14.49
C HIS B 311 -15.78 7.87 -14.89
N PRO B 312 -15.59 9.18 -15.15
CA PRO B 312 -14.30 9.66 -15.67
C PRO B 312 -13.16 9.48 -14.67
N TRP B 313 -13.49 9.30 -13.38
CA TRP B 313 -12.45 9.16 -12.39
C TRP B 313 -11.79 7.79 -12.54
N ARG B 314 -12.37 6.90 -13.35
CA ARG B 314 -11.79 5.58 -13.47
C ARG B 314 -10.56 5.65 -14.36
N THR B 315 -10.69 6.44 -15.44
CA THR B 315 -9.88 6.44 -16.65
C THR B 315 -8.87 7.60 -16.58
N MET B 316 -9.06 8.48 -15.57
CA MET B 316 -8.31 9.73 -15.51
C MET B 316 -6.84 9.46 -15.23
N PRO B 317 -5.96 10.35 -15.65
CA PRO B 317 -4.51 10.08 -15.57
C PRO B 317 -4.13 9.96 -14.09
N ARG B 318 -3.15 9.10 -13.78
CA ARG B 318 -2.49 9.13 -12.50
C ARG B 318 -3.53 9.11 -11.39
N ASN B 319 -4.57 8.28 -11.56
CA ASN B 319 -5.45 8.01 -10.43
C ASN B 319 -4.93 6.78 -9.69
N ALA B 320 -5.23 6.70 -8.38
CA ALA B 320 -5.16 5.48 -7.61
C ALA B 320 -6.51 5.20 -6.94
N MET B 321 -7.57 5.42 -7.69
CA MET B 321 -8.93 5.12 -7.25
C MET B 321 -9.05 3.60 -7.05
N THR B 322 -9.86 3.21 -6.06
CA THR B 322 -10.49 1.90 -6.04
C THR B 322 -12.01 2.08 -6.02
N VAL B 323 -12.75 1.00 -6.20
CA VAL B 323 -14.17 1.06 -5.88
C VAL B 323 -14.26 1.11 -4.36
N HIS B 324 -15.49 1.38 -3.80
CA HIS B 324 -15.65 1.55 -2.36
C HIS B 324 -15.95 0.22 -1.69
N TYR B 325 -14.93 -0.57 -1.50
CA TYR B 325 -14.99 -1.66 -0.54
C TYR B 325 -14.13 -1.22 0.62
N SER B 326 -14.42 -1.69 1.79
CA SER B 326 -13.74 -1.11 2.94
C SER B 326 -14.70 -1.22 4.09
N GLY B 327 -15.94 -0.87 3.79
CA GLY B 327 -17.05 -1.56 4.41
C GLY B 327 -16.95 -3.06 4.17
N MET B 328 -15.94 -3.52 3.41
CA MET B 328 -16.13 -4.81 2.77
C MET B 328 -15.09 -5.81 3.20
N THR B 329 -14.10 -5.33 3.97
CA THR B 329 -12.97 -6.16 4.36
C THR B 329 -13.51 -7.39 5.06
N LEU B 330 -12.67 -8.43 5.10
CA LEU B 330 -13.07 -9.69 5.69
C LEU B 330 -13.58 -9.50 7.13
N GLU B 331 -12.93 -8.66 7.91
CA GLU B 331 -13.34 -8.51 9.29
C GLU B 331 -14.46 -7.45 9.38
N ALA B 332 -14.65 -6.69 8.31
CA ALA B 332 -15.91 -5.98 8.27
C ALA B 332 -17.04 -7.00 8.14
N GLN B 333 -16.83 -8.05 7.35
CA GLN B 333 -17.81 -9.15 7.30
C GLN B 333 -17.94 -9.84 8.67
N LYS B 334 -16.81 -10.16 9.37
CA LYS B 334 -17.01 -10.82 10.65
C LYS B 334 -17.85 -9.93 11.54
N ARG B 335 -17.61 -8.61 11.48
CA ARG B 335 -18.36 -7.67 12.28
C ARG B 335 -19.84 -7.80 11.99
N ILE B 336 -20.19 -7.79 10.70
CA ILE B 336 -21.59 -7.89 10.29
C ILE B 336 -22.16 -9.23 10.75
N GLU B 337 -21.47 -10.31 10.43
CA GLU B 337 -21.81 -11.64 10.90
C GLU B 337 -22.27 -11.57 12.35
N ASP B 338 -21.38 -11.07 13.21
CA ASP B 338 -21.61 -11.08 14.65
C ASP B 338 -22.83 -10.25 15.02
N GLY B 339 -22.97 -9.08 14.37
CA GLY B 339 -24.09 -8.18 14.55
C GLY B 339 -25.41 -8.81 14.10
N VAL B 340 -25.47 -9.37 12.88
CA VAL B 340 -26.74 -9.94 12.47
C VAL B 340 -27.13 -10.98 13.51
N LYS B 341 -26.14 -11.73 13.99
CA LYS B 341 -26.36 -12.73 15.01
C LYS B 341 -26.82 -12.05 16.27
N ASP B 342 -26.08 -11.05 16.74
CA ASP B 342 -26.47 -10.40 18.00
C ASP B 342 -27.93 -9.83 17.92
N ILE B 343 -28.31 -9.23 16.78
CA ILE B 343 -29.66 -8.71 16.63
C ILE B 343 -30.64 -9.87 16.78
N LEU B 344 -30.45 -10.91 15.96
CA LEU B 344 -31.31 -12.09 15.95
C LEU B 344 -31.40 -12.67 17.35
N GLU B 345 -30.28 -12.66 18.10
CA GLU B 345 -30.28 -13.25 19.44
C GLU B 345 -31.17 -12.38 20.32
N ARG B 346 -30.87 -11.09 20.37
CA ARG B 346 -31.67 -10.11 21.06
C ARG B 346 -33.17 -10.31 20.76
N PHE B 347 -33.52 -10.25 19.48
CA PHE B 347 -34.88 -10.40 19.04
C PHE B 347 -35.46 -11.65 19.64
N PHE B 348 -34.69 -12.74 19.62
CA PHE B 348 -35.16 -14.04 20.09
C PHE B 348 -35.42 -14.05 21.56
N ASN B 349 -34.45 -13.64 22.35
CA ASN B 349 -34.67 -13.59 23.77
C ASN B 349 -35.48 -12.35 24.13
N HIS B 350 -36.13 -11.71 23.12
CA HIS B 350 -36.90 -10.48 23.39
C HIS B 350 -36.09 -9.42 24.19
N GLU B 351 -34.84 -9.13 23.82
CA GLU B 351 -34.13 -8.14 24.62
C GLU B 351 -34.25 -6.76 23.98
N PRO B 352 -33.74 -5.70 24.67
CA PRO B 352 -33.72 -4.35 24.09
C PRO B 352 -32.58 -4.24 23.11
N PHE B 353 -32.61 -3.22 22.25
CA PHE B 353 -31.56 -2.98 21.28
C PHE B 353 -30.89 -1.63 21.57
N GLN B 354 -29.68 -1.43 21.03
CA GLN B 354 -29.04 -0.14 20.84
C GLN B 354 -29.90 0.69 19.90
N ASP B 355 -30.19 1.99 20.24
CA ASP B 355 -30.95 2.75 19.27
C ASP B 355 -30.17 2.95 17.95
N LYS B 356 -28.85 3.03 18.02
CA LYS B 356 -28.07 3.20 16.82
C LYS B 356 -28.49 2.20 15.74
N ASP B 357 -29.11 1.07 16.11
CA ASP B 357 -29.28 -0.01 15.14
C ASP B 357 -30.70 -0.01 14.56
N ILE B 358 -31.61 0.79 15.14
CA ILE B 358 -32.99 0.74 14.70
C ILE B 358 -33.24 1.88 13.68
N ILE B 359 -33.55 1.53 12.43
CA ILE B 359 -33.94 2.52 11.43
C ILE B 359 -35.41 2.89 11.61
N VAL B 360 -36.29 1.93 11.43
CA VAL B 360 -37.67 2.10 11.84
C VAL B 360 -37.89 1.23 13.08
N ALA B 361 -38.36 1.86 14.16
CA ALA B 361 -38.66 1.16 15.40
C ALA B 361 -40.05 0.56 15.27
N SER B 362 -40.37 -0.43 16.12
CA SER B 362 -41.53 -1.30 15.86
C SER B 362 -41.76 -2.26 17.01
N GLY B 363 -42.75 -1.92 17.88
CA GLY B 363 -43.38 -2.93 18.73
C GLY B 363 -42.34 -3.71 19.56
N ARG B 364 -41.69 -4.76 18.95
CA ARG B 364 -40.45 -5.37 19.48
C ARG B 364 -39.21 -4.65 18.89
N ILE B 365 -38.52 -3.88 19.74
CA ILE B 365 -37.62 -2.85 19.27
C ILE B 365 -37.84 -1.53 20.04
#